data_4DPD
#
_entry.id   4DPD
#
_cell.length_a   58.057
_cell.length_b   156.785
_cell.length_c   165.032
_cell.angle_alpha   90.00
_cell.angle_beta   90.00
_cell.angle_gamma   90.00
#
_symmetry.space_group_name_H-M   'P 21 21 21'
#
loop_
_entity.id
_entity.type
_entity.pdbx_description
1 polymer 'Bifunctional dihydrofolate reductase-thymidylate synthase'
2 non-polymer 'DIHYDROFOLIC ACID'
3 non-polymer 'NADP NICOTINAMIDE-ADENINE-DINUCLEOTIDE PHOSPHATE'
4 non-polymer "2'-DEOXYURIDINE 5'-MONOPHOSPHATE"
5 water water
#
_entity_poly.entity_id   1
_entity_poly.type   'polypeptide(L)'
_entity_poly.pdbx_seq_one_letter_code
;MMEQVCDVFDIYAICACCKVESKNEGKKNEVFNNYTFRGLGNKGVLPWKCNSLDMKYFCAVTTYVNESKYEKLKYKRCKY
LNKETVDNVNDMPNSKKLQNVVVMGRTSWESIPKKFKPLSNRINVILSRTLKKEDFDEDVYIINKVEDLIVLLGKLNYYK
CFIIGGSVVYQEFLEKKLIKKIYFTRINSTYECDVFFPEINENEYQIISVSDVYTSNNTTLDFIIYKKTNNKMLNEQNCI
KGEEKNNDMPLKNDDKDTCHMKKLTEFYKNVDKYKINYENDDDDEEEDDFVYFNFNKEKEEKNKNSIHPNDFQIYNSLKY
KYHPEYQYLNIIYDIMMNGNKQSDRTGVGVLSKFGYIMKFDLSQYFPLLTTKKLFLRGIIEELLWFIRGETNGNTLLNKN
VRIWEANGTREFLDNRKLFHREVNDLGPIYGFQWRHFGAEYTNMYDNYENKGVDQLKNIINLIKNDPTSRRILLCAWNVK
DLDQMALPPCHILCQFYVFDGKLSCIMYQRSCDLGLGVPFNIASYSIFTHMIAQVCNLQPAQFIHVLGNAHVYNNHIDSL
KIQLNRIPYPFPTLKLNPDIKNIEDFTISDFTIQNYVHHEKISMDMAA
;
_entity_poly.pdbx_strand_id   A,B
#
# COMPACT_ATOMS: atom_id res chain seq x y z
N MET A 1 27.26 -7.39 -31.47
CA MET A 1 28.22 -7.20 -32.59
C MET A 1 27.99 -5.84 -33.26
N MET A 2 26.91 -5.73 -34.04
CA MET A 2 26.61 -4.50 -34.77
C MET A 2 25.14 -4.08 -34.63
N GLU A 3 24.93 -2.77 -34.54
CA GLU A 3 23.69 -2.21 -34.07
C GLU A 3 22.66 -2.11 -35.19
N GLN A 4 21.38 -2.25 -34.82
CA GLN A 4 20.28 -1.86 -35.73
C GLN A 4 20.15 -0.33 -35.71
N VAL A 5 19.70 0.21 -36.84
CA VAL A 5 19.60 1.66 -37.05
C VAL A 5 18.70 2.33 -36.00
N CYS A 6 17.53 1.72 -35.78
CA CYS A 6 16.54 2.23 -34.81
C CYS A 6 17.12 2.42 -33.41
N ASP A 7 18.08 1.58 -33.03
CA ASP A 7 18.73 1.69 -31.72
C ASP A 7 19.70 2.85 -31.69
N VAL A 8 20.50 2.98 -32.76
CA VAL A 8 21.53 4.02 -32.77
C VAL A 8 20.88 5.42 -32.74
N PHE A 9 19.82 5.59 -33.53
CA PHE A 9 19.23 6.91 -33.64
C PHE A 9 17.93 7.09 -32.85
N ASP A 10 17.58 6.09 -32.02
CA ASP A 10 16.44 6.16 -31.10
C ASP A 10 15.17 6.56 -31.83
N ILE A 11 14.73 5.70 -32.73
CA ILE A 11 13.60 5.98 -33.59
C ILE A 11 12.40 5.23 -33.06
N TYR A 12 11.39 6.00 -32.65
CA TYR A 12 10.19 5.46 -32.06
C TYR A 12 9.01 5.84 -32.91
N ALA A 13 7.89 5.18 -32.70
CA ALA A 13 6.63 5.59 -33.26
C ALA A 13 5.66 5.93 -32.12
N ILE A 14 4.87 6.97 -32.32
CA ILE A 14 3.78 7.29 -31.42
C ILE A 14 2.53 7.43 -32.29
N CYS A 15 1.44 6.84 -31.82
CA CYS A 15 0.17 6.85 -32.53
C CYS A 15 -1.00 6.75 -31.54
N ALA A 16 -2.21 6.95 -32.07
CA ALA A 16 -3.44 6.79 -31.31
C ALA A 16 -4.46 6.04 -32.19
N CYS A 17 -5.07 5.00 -31.63
CA CYS A 17 -6.03 4.19 -32.41
C CYS A 17 -7.36 3.95 -31.71
N CYS A 18 -8.44 4.13 -32.45
CA CYS A 18 -9.78 3.89 -31.95
C CYS A 18 -10.30 2.55 -32.48
N LYS A 19 -11.55 2.21 -32.16
CA LYS A 19 -12.16 1.03 -32.74
C LYS A 19 -12.92 1.48 -33.98
N VAL A 20 -13.16 0.54 -34.88
CA VAL A 20 -13.62 0.82 -36.23
C VAL A 20 -15.06 0.37 -36.49
N GLU A 21 -15.83 1.28 -37.07
CA GLU A 21 -17.22 1.00 -37.45
C GLU A 21 -17.25 -0.12 -38.49
N GLU A 30 -18.63 -10.93 -30.49
CA GLU A 30 -17.46 -10.21 -31.08
C GLU A 30 -16.18 -10.62 -30.38
N VAL A 31 -15.15 -10.93 -31.17
CA VAL A 31 -13.84 -11.32 -30.66
C VAL A 31 -12.93 -10.10 -30.63
N PHE A 32 -12.22 -9.91 -29.54
CA PHE A 32 -11.34 -8.76 -29.39
C PHE A 32 -9.90 -9.21 -29.34
N ASN A 33 -9.03 -8.41 -29.95
CA ASN A 33 -7.59 -8.55 -29.82
C ASN A 33 -6.95 -7.16 -29.98
N ASN A 34 -5.63 -7.09 -30.06
CA ASN A 34 -4.96 -5.79 -30.17
C ASN A 34 -5.35 -5.03 -31.43
N TYR A 35 -5.64 -5.79 -32.49
CA TYR A 35 -6.03 -5.20 -33.77
C TYR A 35 -7.42 -4.58 -33.69
N THR A 36 -8.16 -4.84 -32.63
CA THR A 36 -9.41 -4.13 -32.38
C THR A 36 -9.17 -2.62 -32.45
N PHE A 37 -8.07 -2.15 -31.87
CA PHE A 37 -7.73 -0.72 -31.88
C PHE A 37 -6.80 -0.45 -33.06
N ARG A 38 -7.36 0.05 -34.15
CA ARG A 38 -6.60 0.31 -35.38
C ARG A 38 -7.03 1.54 -36.18
N GLY A 39 -8.09 2.21 -35.76
CA GLY A 39 -8.58 3.38 -36.49
C GLY A 39 -7.65 4.54 -36.27
N LEU A 40 -7.04 5.01 -37.36
CA LEU A 40 -5.98 6.03 -37.30
C LEU A 40 -6.46 7.40 -37.72
N GLY A 41 -7.21 7.45 -38.81
CA GLY A 41 -7.67 8.71 -39.38
C GLY A 41 -8.94 8.57 -40.17
N ASN A 42 -9.55 9.70 -40.53
CA ASN A 42 -10.73 9.71 -41.36
C ASN A 42 -10.89 11.01 -42.12
N LYS A 43 -11.03 10.90 -43.43
CA LYS A 43 -11.15 12.05 -44.31
C LYS A 43 -10.06 13.07 -44.03
N GLY A 44 -8.84 12.58 -43.81
CA GLY A 44 -7.68 13.44 -43.61
C GLY A 44 -7.54 14.06 -42.23
N VAL A 45 -8.45 13.70 -41.32
CA VAL A 45 -8.36 14.11 -39.92
C VAL A 45 -8.50 12.90 -38.97
N LEU A 46 -8.50 13.17 -37.66
CA LEU A 46 -8.64 12.12 -36.66
C LEU A 46 -10.09 11.66 -36.61
N PRO A 47 -10.31 10.35 -36.43
CA PRO A 47 -11.69 9.85 -36.49
C PRO A 47 -12.56 10.39 -35.37
N TRP A 48 -11.95 10.79 -34.26
CA TRP A 48 -12.66 11.34 -33.12
C TRP A 48 -12.52 12.81 -33.02
N LYS A 49 -11.90 13.42 -34.03
CA LYS A 49 -11.64 14.88 -34.05
C LYS A 49 -10.57 15.29 -33.08
N CYS A 50 -10.91 15.32 -31.78
CA CYS A 50 -10.05 15.86 -30.72
C CYS A 50 -10.13 14.99 -29.46
N ASN A 51 -9.02 14.84 -28.75
CA ASN A 51 -8.99 14.25 -27.39
C ASN A 51 -7.94 14.97 -26.55
N SER A 52 -8.35 15.74 -25.55
CA SER A 52 -7.42 16.62 -24.85
C SER A 52 -6.30 15.83 -24.21
N LEU A 53 -6.63 14.71 -23.57
CA LEU A 53 -5.66 14.02 -22.76
C LEU A 53 -4.67 13.35 -23.67
N ASP A 54 -5.17 12.75 -24.76
CA ASP A 54 -4.29 12.16 -25.75
C ASP A 54 -3.31 13.18 -26.36
N MET A 55 -3.80 14.38 -26.69
CA MET A 55 -2.99 15.49 -27.21
C MET A 55 -1.92 15.84 -26.21
N LYS A 56 -2.30 15.90 -24.94
CA LYS A 56 -1.37 16.26 -23.88
C LYS A 56 -0.26 15.21 -23.74
N TYR A 57 -0.66 13.94 -23.76
CA TYR A 57 0.29 12.85 -23.77
C TYR A 57 1.21 12.96 -24.98
N PHE A 58 0.64 13.23 -26.14
CA PHE A 58 1.43 13.33 -27.34
C PHE A 58 2.52 14.41 -27.23
N CYS A 59 2.12 15.59 -26.73
CA CYS A 59 3.01 16.74 -26.55
C CYS A 59 4.08 16.42 -25.51
N ALA A 60 3.67 15.87 -24.38
CA ALA A 60 4.57 15.46 -23.30
C ALA A 60 5.66 14.52 -23.79
N VAL A 61 5.27 13.47 -24.48
CA VAL A 61 6.24 12.49 -24.99
C VAL A 61 7.15 13.07 -26.09
N THR A 62 6.57 13.74 -27.09
CA THR A 62 7.36 14.17 -28.25
C THR A 62 8.22 15.39 -27.96
N THR A 63 7.94 16.14 -26.90
CA THR A 63 8.78 17.28 -26.51
C THR A 63 9.73 17.00 -25.34
N TYR A 64 9.49 15.94 -24.56
CA TYR A 64 10.34 15.70 -23.39
C TYR A 64 11.78 15.32 -23.75
N VAL A 65 12.71 15.99 -23.08
CA VAL A 65 14.14 15.83 -23.32
C VAL A 65 14.89 15.75 -22.00
N ASN A 66 15.87 14.84 -21.94
CA ASN A 66 16.77 14.70 -20.80
C ASN A 66 18.21 15.11 -21.15
N GLU A 67 18.58 16.34 -20.78
CA GLU A 67 19.87 16.94 -21.20
C GLU A 67 21.07 16.04 -20.82
N SER A 68 21.10 15.60 -19.56
CA SER A 68 22.14 14.70 -19.06
C SER A 68 22.42 13.49 -19.94
N LYS A 69 21.39 12.92 -20.58
CA LYS A 69 21.55 11.66 -21.31
C LYS A 69 22.09 11.81 -22.73
N TYR A 70 22.13 13.05 -23.25
CA TYR A 70 22.44 13.24 -24.66
C TYR A 70 23.87 12.84 -24.99
N GLU A 71 24.81 13.25 -24.14
CA GLU A 71 26.24 13.02 -24.37
C GLU A 71 26.57 11.54 -24.51
N LYS A 72 25.80 10.71 -23.80
CA LYS A 72 25.88 9.26 -23.94
C LYS A 72 25.35 8.80 -25.30
N LEU A 73 24.29 9.47 -25.78
CA LEU A 73 23.71 9.18 -27.09
C LEU A 73 24.54 9.78 -28.23
N LYS A 74 25.18 10.92 -27.99
CA LYS A 74 26.04 11.56 -28.97
C LYS A 74 27.20 10.63 -29.29
N TYR A 75 27.89 10.17 -28.26
CA TYR A 75 28.94 9.17 -28.40
C TYR A 75 28.47 7.95 -29.19
N LYS A 76 27.35 7.37 -28.77
CA LYS A 76 26.83 6.18 -29.44
C LYS A 76 26.75 6.41 -30.95
N ARG A 77 26.13 7.53 -31.33
CA ARG A 77 25.87 7.82 -32.74
C ARG A 77 27.16 8.20 -33.46
N CYS A 78 28.01 8.93 -32.77
CA CYS A 78 29.30 9.28 -33.34
C CYS A 78 30.22 8.07 -33.48
N LYS A 79 30.10 7.09 -32.59
CA LYS A 79 30.91 5.87 -32.70
C LYS A 79 30.44 5.04 -33.87
N TYR A 80 29.12 5.02 -34.09
CA TYR A 80 28.52 4.24 -35.17
C TYR A 80 28.86 4.83 -36.56
N LEU A 81 28.99 6.15 -36.64
CA LEU A 81 29.36 6.81 -37.89
C LEU A 81 30.89 6.97 -38.03
N ASN A 82 31.62 6.72 -36.94
CA ASN A 82 33.03 7.08 -36.79
C ASN A 82 33.25 8.59 -36.91
N LYS A 83 33.41 9.24 -35.76
CA LYS A 83 33.39 10.70 -35.66
C LYS A 83 34.13 11.15 -34.42
N LYS A 97 18.94 24.82 -27.30
CA LYS A 97 18.19 23.89 -26.38
C LYS A 97 17.89 22.56 -27.08
N LEU A 98 18.19 21.45 -26.42
CA LEU A 98 18.05 20.13 -27.02
C LEU A 98 16.60 19.81 -27.32
N GLN A 99 16.35 19.22 -28.49
CA GLN A 99 15.00 18.91 -28.93
C GLN A 99 14.90 17.50 -29.49
N ASN A 100 13.69 16.97 -29.51
CA ASN A 100 13.39 15.75 -30.25
C ASN A 100 13.04 16.06 -31.69
N VAL A 101 13.17 15.04 -32.54
CA VAL A 101 12.75 15.15 -33.94
C VAL A 101 11.37 14.52 -34.05
N VAL A 102 10.50 15.14 -34.85
CA VAL A 102 9.28 14.48 -35.29
C VAL A 102 9.25 14.40 -36.82
N VAL A 103 9.00 13.19 -37.32
CA VAL A 103 8.91 12.88 -38.73
C VAL A 103 7.45 12.55 -39.10
N MET A 104 6.93 13.18 -40.13
CA MET A 104 5.56 12.92 -40.55
C MET A 104 5.41 12.88 -42.08
N GLY A 105 4.43 12.13 -42.53
CA GLY A 105 3.98 12.16 -43.92
C GLY A 105 3.43 13.53 -44.28
N ARG A 106 3.45 13.86 -45.57
CA ARG A 106 2.94 15.13 -46.03
C ARG A 106 1.47 15.36 -45.70
N THR A 107 0.64 14.35 -45.92
CA THR A 107 -0.79 14.46 -45.62
C THR A 107 -1.00 14.79 -44.14
N SER A 108 -0.19 14.20 -43.28
CA SER A 108 -0.35 14.45 -41.86
C SER A 108 0.11 15.86 -41.54
N TRP A 109 1.16 16.31 -42.19
CA TRP A 109 1.57 17.73 -42.03
C TRP A 109 0.43 18.66 -42.37
N GLU A 110 -0.29 18.33 -43.43
CA GLU A 110 -1.34 19.21 -43.95
C GLU A 110 -2.60 19.23 -43.06
N SER A 111 -2.75 18.22 -42.21
CA SER A 111 -3.88 18.19 -41.28
C SER A 111 -3.66 19.00 -40.00
N ILE A 112 -2.45 19.46 -39.75
CA ILE A 112 -2.19 20.24 -38.55
C ILE A 112 -2.71 21.63 -38.77
N PRO A 113 -3.50 22.17 -37.83
CA PRO A 113 -3.95 23.56 -37.95
C PRO A 113 -2.78 24.54 -38.04
N LYS A 114 -2.98 25.59 -38.81
CA LYS A 114 -1.91 26.52 -39.15
C LYS A 114 -1.16 27.06 -37.94
N LYS A 115 -1.88 27.41 -36.87
CA LYS A 115 -1.24 28.02 -35.69
C LYS A 115 -0.44 27.04 -34.82
N PHE A 116 -0.43 25.76 -35.20
CA PHE A 116 0.34 24.75 -34.50
C PHE A 116 1.52 24.23 -35.34
N LYS A 117 1.67 24.77 -36.56
CA LYS A 117 2.78 24.47 -37.45
C LYS A 117 3.90 25.49 -37.29
N PRO A 118 5.18 25.03 -37.26
CA PRO A 118 5.60 23.64 -37.10
C PRO A 118 5.41 23.27 -35.64
N LEU A 119 5.31 21.97 -35.34
CA LEU A 119 5.08 21.53 -33.95
C LEU A 119 6.16 22.13 -33.04
N SER A 120 5.72 22.80 -31.98
CA SER A 120 6.61 23.59 -31.16
C SER A 120 7.61 22.75 -30.39
N ASN A 121 8.78 23.33 -30.15
CA ASN A 121 9.89 22.70 -29.41
C ASN A 121 10.36 21.36 -29.93
N ARG A 122 10.06 21.08 -31.20
CA ARG A 122 10.52 19.88 -31.87
C ARG A 122 11.07 20.24 -33.26
N ILE A 123 12.07 19.49 -33.72
CA ILE A 123 12.51 19.57 -35.10
C ILE A 123 11.52 18.81 -35.97
N ASN A 124 10.87 19.50 -36.89
CA ASN A 124 9.84 18.90 -37.75
C ASN A 124 10.46 18.44 -39.05
N VAL A 125 10.22 17.18 -39.42
CA VAL A 125 10.71 16.61 -40.66
C VAL A 125 9.52 16.08 -41.42
N ILE A 126 9.46 16.35 -42.72
CA ILE A 126 8.28 16.04 -43.50
C ILE A 126 8.64 15.23 -44.72
N LEU A 127 8.09 14.02 -44.83
CA LEU A 127 8.29 13.17 -45.99
C LEU A 127 7.36 13.60 -47.10
N SER A 128 7.89 13.84 -48.29
CA SER A 128 7.09 14.18 -49.48
C SER A 128 7.83 13.94 -50.79
N ARG A 129 7.12 13.48 -51.80
CA ARG A 129 7.64 13.47 -53.17
C ARG A 129 7.10 14.66 -53.97
N THR A 130 5.84 15.04 -53.74
CA THR A 130 5.21 16.05 -54.58
C THR A 130 5.52 17.50 -54.16
N LEU A 131 6.15 17.68 -53.01
CA LEU A 131 6.44 19.01 -52.48
C LEU A 131 7.90 19.11 -52.03
N LYS A 132 8.46 20.31 -52.11
CA LYS A 132 9.88 20.53 -51.84
C LYS A 132 10.04 21.72 -50.93
N LYS A 133 11.25 21.92 -50.41
CA LYS A 133 11.48 23.01 -49.45
C LYS A 133 10.82 24.35 -49.86
N GLU A 134 10.86 24.66 -51.15
CA GLU A 134 10.30 25.91 -51.68
C GLU A 134 8.78 26.02 -51.48
N ASP A 135 8.11 24.89 -51.34
CA ASP A 135 6.67 24.90 -51.10
C ASP A 135 6.29 25.14 -49.65
N PHE A 136 7.26 25.42 -48.77
CA PHE A 136 6.99 25.58 -47.35
C PHE A 136 7.56 26.88 -46.84
N ASP A 137 6.74 27.61 -46.11
CA ASP A 137 7.18 28.81 -45.43
C ASP A 137 7.89 28.47 -44.13
N GLU A 138 7.68 27.26 -43.62
CA GLU A 138 7.98 26.98 -42.23
C GLU A 138 9.39 26.42 -42.01
N ASP A 139 9.92 26.65 -40.82
CA ASP A 139 11.14 26.01 -40.38
C ASP A 139 10.97 24.48 -40.34
N VAL A 140 11.12 23.82 -41.47
CA VAL A 140 10.99 22.37 -41.54
C VAL A 140 11.98 21.75 -42.52
N TYR A 141 12.37 20.50 -42.25
CA TYR A 141 13.17 19.71 -43.17
C TYR A 141 12.23 18.93 -44.05
N ILE A 142 12.47 18.97 -45.36
CA ILE A 142 11.77 18.13 -46.32
C ILE A 142 12.71 17.03 -46.82
N ILE A 143 12.22 15.81 -46.85
CA ILE A 143 12.99 14.68 -47.37
C ILE A 143 12.09 13.83 -48.24
N ASN A 144 12.68 13.16 -49.22
CA ASN A 144 11.89 12.41 -50.21
C ASN A 144 12.18 10.91 -50.20
N LYS A 145 12.88 10.48 -49.17
CA LYS A 145 13.37 9.12 -49.03
C LYS A 145 13.49 8.82 -47.55
N VAL A 146 13.13 7.62 -47.14
CA VAL A 146 13.41 7.20 -45.77
C VAL A 146 14.92 7.31 -45.52
N GLU A 147 15.70 6.76 -46.44
CA GLU A 147 17.16 6.75 -46.33
C GLU A 147 17.73 8.14 -45.96
N ASP A 148 17.13 9.20 -46.51
CA ASP A 148 17.57 10.57 -46.21
C ASP A 148 17.31 11.00 -44.76
N LEU A 149 16.24 10.48 -44.15
CA LEU A 149 15.99 10.69 -42.73
C LEU A 149 17.18 10.24 -41.91
N ILE A 150 17.71 9.07 -42.26
CA ILE A 150 18.85 8.50 -41.53
C ILE A 150 20.08 9.40 -41.67
N VAL A 151 20.38 9.79 -42.91
CA VAL A 151 21.50 10.70 -43.16
C VAL A 151 21.34 11.96 -42.31
N LEU A 152 20.14 12.55 -42.33
CA LEU A 152 19.83 13.77 -41.56
C LEU A 152 19.98 13.61 -40.03
N LEU A 153 19.52 12.49 -39.50
CA LEU A 153 19.69 12.23 -38.06
C LEU A 153 21.18 12.24 -37.72
N GLY A 154 21.99 11.66 -38.62
CA GLY A 154 23.44 11.69 -38.53
C GLY A 154 24.00 13.09 -38.37
N LYS A 155 23.42 14.05 -39.09
CA LYS A 155 23.91 15.44 -39.01
C LYS A 155 23.34 16.24 -37.85
N LEU A 156 22.16 15.91 -37.36
CA LEU A 156 21.52 16.77 -36.35
C LEU A 156 21.91 16.42 -34.92
N ASN A 157 21.86 17.41 -34.03
CA ASN A 157 21.81 17.19 -32.59
C ASN A 157 20.35 17.11 -32.14
N TYR A 158 19.94 15.95 -31.64
CA TYR A 158 18.58 15.78 -31.10
C TYR A 158 18.56 14.66 -30.08
N TYR A 159 17.55 14.69 -29.23
CA TYR A 159 17.37 13.65 -28.21
C TYR A 159 16.82 12.36 -28.82
N LYS A 160 15.54 12.33 -29.15
CA LYS A 160 14.95 11.13 -29.74
C LYS A 160 14.19 11.51 -31.00
N CYS A 161 13.95 10.51 -31.84
CA CYS A 161 13.26 10.71 -33.10
C CYS A 161 11.94 9.95 -33.09
N PHE A 162 10.84 10.69 -33.19
CA PHE A 162 9.50 10.11 -33.17
C PHE A 162 8.83 10.19 -34.53
N ILE A 163 8.44 9.01 -35.05
CA ILE A 163 7.68 8.88 -36.28
C ILE A 163 6.24 9.06 -35.89
N ILE A 164 5.65 10.20 -36.25
CA ILE A 164 4.31 10.55 -35.79
C ILE A 164 3.28 10.36 -36.86
N GLY A 165 3.69 9.63 -37.90
CA GLY A 165 2.77 8.91 -38.73
C GLY A 165 2.25 9.54 -40.00
N GLY A 166 0.95 9.31 -40.16
CA GLY A 166 0.34 9.00 -41.39
C GLY A 166 0.43 7.49 -41.43
N SER A 167 -0.65 6.83 -41.87
CA SER A 167 -0.62 5.38 -42.01
C SER A 167 0.44 4.90 -42.98
N VAL A 168 0.57 5.55 -44.13
CA VAL A 168 1.64 5.20 -45.08
C VAL A 168 3.01 5.29 -44.39
N VAL A 169 3.25 6.35 -43.63
CA VAL A 169 4.53 6.48 -42.92
C VAL A 169 4.73 5.41 -41.85
N TYR A 170 3.70 5.13 -41.03
CA TYR A 170 3.85 4.08 -40.03
C TYR A 170 4.20 2.74 -40.69
N GLN A 171 3.52 2.40 -41.79
CA GLN A 171 3.70 1.08 -42.40
C GLN A 171 5.13 0.83 -42.82
N GLU A 172 5.67 1.73 -43.62
CA GLU A 172 7.01 1.55 -44.20
C GLU A 172 8.09 1.53 -43.09
N PHE A 173 7.95 2.38 -42.08
CA PHE A 173 8.90 2.35 -40.97
C PHE A 173 8.87 1.03 -40.20
N LEU A 174 7.68 0.49 -39.97
CA LEU A 174 7.53 -0.83 -39.34
C LEU A 174 8.10 -1.97 -40.19
N GLU A 175 7.83 -1.91 -41.50
CA GLU A 175 8.37 -2.89 -42.46
C GLU A 175 9.89 -2.88 -42.56
N LYS A 176 10.50 -1.70 -42.44
CA LYS A 176 11.95 -1.56 -42.50
C LYS A 176 12.60 -1.86 -41.14
N LYS A 177 11.79 -2.17 -40.15
CA LYS A 177 12.26 -2.50 -38.81
C LYS A 177 13.03 -1.33 -38.23
N LEU A 178 12.55 -0.12 -38.48
CA LEU A 178 13.17 1.08 -37.96
C LEU A 178 12.56 1.58 -36.64
N ILE A 179 11.60 0.84 -36.10
CA ILE A 179 10.89 1.25 -34.88
C ILE A 179 11.35 0.42 -33.67
N LYS A 180 11.95 1.11 -32.72
CA LYS A 180 12.44 0.51 -31.48
C LYS A 180 11.29 0.29 -30.50
N LYS A 181 10.40 1.28 -30.36
CA LYS A 181 9.19 1.11 -29.54
C LYS A 181 8.03 1.84 -30.17
N ILE A 182 6.82 1.33 -29.96
CA ILE A 182 5.57 1.97 -30.37
C ILE A 182 4.81 2.46 -29.16
N TYR A 183 4.64 3.78 -29.02
CA TYR A 183 3.82 4.36 -27.97
C TYR A 183 2.41 4.48 -28.53
N PHE A 184 1.52 3.63 -28.04
CA PHE A 184 0.25 3.36 -28.67
C PHE A 184 -0.88 3.73 -27.72
N THR A 185 -1.75 4.64 -28.15
CA THR A 185 -2.92 5.02 -27.38
C THR A 185 -4.13 4.21 -27.85
N ARG A 186 -4.82 3.58 -26.89
CA ARG A 186 -6.06 2.87 -27.17
C ARG A 186 -7.24 3.74 -26.79
N ILE A 187 -7.85 4.34 -27.80
CA ILE A 187 -9.01 5.18 -27.63
C ILE A 187 -10.21 4.25 -27.61
N ASN A 188 -10.87 4.09 -26.46
CA ASN A 188 -11.82 2.98 -26.34
C ASN A 188 -13.24 3.35 -26.75
N SER A 189 -13.36 3.75 -28.02
CA SER A 189 -14.64 4.00 -28.65
C SER A 189 -14.55 3.74 -30.14
N THR A 190 -15.71 3.72 -30.79
CA THR A 190 -15.80 3.41 -32.21
C THR A 190 -16.12 4.65 -33.05
N TYR A 191 -15.40 4.84 -34.14
CA TYR A 191 -15.68 5.95 -35.06
C TYR A 191 -15.49 5.53 -36.49
N GLU A 192 -16.02 6.34 -37.40
CA GLU A 192 -15.82 6.13 -38.84
C GLU A 192 -14.35 6.36 -39.17
N CYS A 193 -13.73 5.41 -39.87
CA CYS A 193 -12.32 5.51 -40.24
C CYS A 193 -12.09 5.07 -41.70
N ASP A 194 -11.13 5.71 -42.38
CA ASP A 194 -10.69 5.26 -43.72
C ASP A 194 -9.22 4.84 -43.78
N VAL A 195 -8.40 5.29 -42.83
CA VAL A 195 -7.02 4.80 -42.72
C VAL A 195 -6.75 4.10 -41.40
N PHE A 196 -5.79 3.17 -41.41
CA PHE A 196 -5.57 2.24 -40.30
C PHE A 196 -4.12 1.98 -39.99
N PHE A 197 -3.82 1.79 -38.70
CA PHE A 197 -2.49 1.43 -38.26
C PHE A 197 -2.26 -0.01 -38.71
N PRO A 198 -1.04 -0.36 -39.10
CA PRO A 198 -0.83 -1.73 -39.56
C PRO A 198 -0.95 -2.71 -38.41
N GLU A 199 -1.33 -3.95 -38.73
CA GLU A 199 -1.42 -5.02 -37.77
C GLU A 199 -0.02 -5.28 -37.25
N ILE A 200 0.21 -5.04 -35.96
CA ILE A 200 1.52 -5.27 -35.34
C ILE A 200 1.75 -6.78 -35.23
N ASN A 201 2.94 -7.22 -35.66
CA ASN A 201 3.33 -8.62 -35.52
C ASN A 201 3.80 -8.90 -34.09
N GLU A 202 3.07 -9.77 -33.39
CA GLU A 202 3.42 -10.17 -32.03
C GLU A 202 4.80 -10.85 -31.93
N ASN A 203 5.28 -11.42 -33.04
CA ASN A 203 6.64 -11.97 -33.08
C ASN A 203 7.72 -10.87 -33.05
N GLU A 204 7.38 -9.67 -33.54
CA GLU A 204 8.35 -8.57 -33.61
C GLU A 204 8.23 -7.55 -32.47
N TYR A 205 7.01 -7.29 -32.02
CA TYR A 205 6.77 -6.36 -30.93
C TYR A 205 5.93 -7.00 -29.85
N GLN A 206 6.29 -6.73 -28.59
CA GLN A 206 5.49 -7.17 -27.45
C GLN A 206 5.20 -5.98 -26.50
N ILE A 207 4.02 -5.99 -25.89
CA ILE A 207 3.63 -4.98 -24.93
C ILE A 207 4.49 -5.10 -23.68
N ILE A 208 5.10 -3.99 -23.25
CA ILE A 208 5.92 -3.96 -22.04
C ILE A 208 5.36 -3.04 -20.97
N SER A 209 4.38 -2.21 -21.31
CA SER A 209 3.79 -1.34 -20.30
C SER A 209 2.37 -0.95 -20.59
N VAL A 210 1.62 -0.76 -19.53
CA VAL A 210 0.23 -0.35 -19.63
C VAL A 210 -0.03 0.68 -18.54
N SER A 211 -0.62 1.79 -18.95
CA SER A 211 -0.89 2.90 -18.04
C SER A 211 -2.16 2.71 -17.25
N ASP A 212 -2.42 3.67 -16.36
CA ASP A 212 -3.73 3.86 -15.77
C ASP A 212 -4.78 4.06 -16.89
N VAL A 213 -6.06 3.93 -16.54
CA VAL A 213 -7.13 4.14 -17.51
C VAL A 213 -7.75 5.49 -17.18
N TYR A 214 -8.15 6.22 -18.22
CA TYR A 214 -8.55 7.62 -18.06
C TYR A 214 -9.82 7.85 -18.83
N THR A 215 -10.51 8.93 -18.48
CA THR A 215 -11.65 9.41 -19.28
C THR A 215 -11.35 10.81 -19.84
N SER A 216 -11.65 11.02 -21.11
CA SER A 216 -11.49 12.32 -21.72
C SER A 216 -12.37 12.44 -22.95
N ASN A 217 -13.10 13.56 -23.07
CA ASN A 217 -14.01 13.74 -24.22
C ASN A 217 -14.95 12.53 -24.40
N ASN A 218 -15.59 12.10 -23.31
CA ASN A 218 -16.61 11.05 -23.34
C ASN A 218 -16.11 9.71 -23.84
N THR A 219 -14.84 9.40 -23.60
CA THR A 219 -14.33 8.06 -23.87
C THR A 219 -13.23 7.69 -22.89
N THR A 220 -13.11 6.40 -22.61
CA THR A 220 -11.97 5.94 -21.85
C THR A 220 -10.84 5.73 -22.85
N LEU A 221 -9.63 5.72 -22.33
CA LEU A 221 -8.43 5.44 -23.10
C LEU A 221 -7.35 5.05 -22.13
N ASP A 222 -6.35 4.33 -22.65
CA ASP A 222 -5.12 4.14 -21.96
C ASP A 222 -3.96 4.22 -22.95
N PHE A 223 -2.74 4.10 -22.41
CA PHE A 223 -1.51 4.27 -23.16
C PHE A 223 -0.65 3.05 -22.89
N ILE A 224 -0.24 2.38 -23.96
CA ILE A 224 0.58 1.17 -23.86
C ILE A 224 1.85 1.34 -24.68
N ILE A 225 2.86 0.51 -24.42
CA ILE A 225 4.14 0.61 -25.07
C ILE A 225 4.55 -0.75 -25.62
N TYR A 226 4.66 -0.86 -26.94
CA TYR A 226 5.23 -2.07 -27.56
C TYR A 226 6.74 -1.92 -27.64
N LYS A 227 7.44 -3.02 -27.39
CA LYS A 227 8.89 -3.03 -27.52
C LYS A 227 9.28 -4.08 -28.55
N LYS A 228 10.31 -3.75 -29.33
CA LYS A 228 10.80 -4.64 -30.37
C LYS A 228 11.43 -5.85 -29.68
N THR A 229 11.04 -7.04 -30.12
CA THR A 229 11.59 -8.28 -29.57
C THR A 229 12.93 -8.59 -30.23
N ASP A 284 24.15 8.69 -4.84
CA ASP A 284 24.07 7.26 -5.27
C ASP A 284 24.70 6.29 -4.26
N GLU A 285 25.17 6.83 -3.14
CA GLU A 285 25.86 6.02 -2.11
C GLU A 285 24.88 5.14 -1.34
N GLU A 286 23.66 5.67 -1.17
CA GLU A 286 22.59 5.01 -0.41
C GLU A 286 22.21 3.61 -0.92
N GLU A 287 22.52 3.30 -2.17
CA GLU A 287 22.14 2.01 -2.78
C GLU A 287 22.62 0.77 -1.98
N ASP A 288 23.74 0.92 -1.27
CA ASP A 288 24.24 -0.15 -0.40
C ASP A 288 23.39 -0.30 0.87
N ASP A 289 23.01 0.83 1.46
CA ASP A 289 22.16 0.86 2.66
C ASP A 289 20.89 0.05 2.42
N PHE A 290 20.32 0.19 1.23
CA PHE A 290 19.17 -0.58 0.79
C PHE A 290 19.46 -2.09 0.81
N VAL A 291 20.63 -2.50 0.31
CA VAL A 291 21.04 -3.91 0.40
C VAL A 291 21.13 -4.32 1.88
N TYR A 292 21.66 -3.45 2.73
CA TYR A 292 21.83 -3.77 4.16
C TYR A 292 20.48 -4.00 4.85
N PHE A 293 19.57 -3.03 4.74
CA PHE A 293 18.24 -3.15 5.37
C PHE A 293 17.45 -4.36 4.83
N ASN A 294 17.86 -4.91 3.68
CA ASN A 294 17.26 -6.14 3.15
C ASN A 294 18.00 -7.42 3.57
N PHE A 295 18.87 -7.32 4.56
CA PHE A 295 19.67 -8.47 5.02
C PHE A 295 18.91 -9.68 5.56
N ASN A 296 17.64 -9.51 5.94
CA ASN A 296 16.90 -10.60 6.58
C ASN A 296 15.75 -11.14 5.72
N LYS A 297 15.65 -10.65 4.48
CA LYS A 297 14.64 -11.15 3.55
C LYS A 297 15.01 -12.56 3.10
N GLU A 298 13.98 -13.32 2.73
CA GLU A 298 14.12 -14.75 2.52
C GLU A 298 14.96 -15.06 1.28
N LYS A 299 15.19 -16.35 1.03
CA LYS A 299 15.70 -16.81 -0.26
C LYS A 299 14.49 -16.96 -1.22
N GLU A 300 14.75 -17.40 -2.45
CA GLU A 300 13.68 -17.65 -3.42
C GLU A 300 12.90 -18.93 -3.07
N GLU A 301 13.63 -20.04 -2.93
CA GLU A 301 13.03 -21.38 -2.80
C GLU A 301 12.09 -21.54 -1.60
N LYS A 302 12.34 -20.77 -0.53
CA LYS A 302 11.51 -20.84 0.69
C LYS A 302 10.10 -20.25 0.50
N ASN A 303 9.95 -19.34 -0.49
CA ASN A 303 8.67 -18.64 -0.71
C ASN A 303 7.53 -19.54 -1.26
N LYS A 304 7.21 -20.55 -0.45
CA LYS A 304 6.02 -21.41 -0.56
C LYS A 304 5.76 -22.18 -1.87
N ASN A 305 4.64 -21.88 -2.51
CA ASN A 305 3.85 -22.86 -3.24
C ASN A 305 4.48 -23.38 -4.53
N SER A 306 3.80 -24.35 -5.17
CA SER A 306 4.32 -24.99 -6.40
C SER A 306 4.06 -24.14 -7.66
N ILE A 307 4.83 -23.06 -7.79
CA ILE A 307 4.63 -22.04 -8.83
C ILE A 307 5.89 -21.84 -9.68
N HIS A 308 5.76 -22.13 -10.97
CA HIS A 308 6.90 -22.13 -11.90
C HIS A 308 7.04 -20.78 -12.57
N PRO A 309 8.30 -20.39 -12.90
CA PRO A 309 8.51 -19.12 -13.60
C PRO A 309 7.76 -19.02 -14.93
N ASN A 310 7.95 -20.01 -15.80
CA ASN A 310 7.22 -20.10 -17.09
C ASN A 310 5.71 -19.80 -17.01
N ASP A 311 5.12 -20.02 -15.84
CA ASP A 311 3.67 -19.87 -15.66
C ASP A 311 3.19 -18.42 -15.73
N PHE A 312 4.04 -17.46 -15.34
CA PHE A 312 3.68 -16.03 -15.37
C PHE A 312 4.67 -15.18 -16.18
N GLN A 313 5.16 -15.72 -17.30
CA GLN A 313 6.26 -15.06 -18.01
C GLN A 313 5.80 -13.75 -18.66
N ILE A 314 4.62 -13.77 -19.26
CA ILE A 314 4.00 -12.54 -19.78
C ILE A 314 3.71 -11.56 -18.63
N TYR A 315 3.02 -12.03 -17.60
CA TYR A 315 2.74 -11.23 -16.42
C TYR A 315 4.01 -10.60 -15.86
N ASN A 316 5.09 -11.37 -15.80
CA ASN A 316 6.36 -10.83 -15.30
C ASN A 316 7.18 -10.13 -16.36
N SER A 317 6.79 -10.26 -17.63
CA SER A 317 7.48 -9.56 -18.70
C SER A 317 7.25 -8.05 -18.59
N LEU A 318 6.03 -7.67 -18.19
CA LEU A 318 5.66 -6.26 -18.14
C LEU A 318 6.50 -5.45 -17.18
N LYS A 319 6.95 -4.30 -17.65
CA LYS A 319 7.73 -3.38 -16.86
C LYS A 319 6.81 -2.53 -15.98
N TYR A 320 5.85 -1.86 -16.61
CA TYR A 320 4.91 -1.07 -15.83
C TYR A 320 3.47 -1.65 -15.93
N LYS A 321 2.85 -1.86 -14.76
CA LYS A 321 1.53 -2.48 -14.69
C LYS A 321 0.56 -1.54 -13.96
N TYR A 322 0.24 -0.43 -14.60
CA TYR A 322 -0.50 0.63 -13.92
C TYR A 322 -1.97 0.59 -14.20
N HIS A 323 -2.42 -0.28 -15.11
CA HIS A 323 -3.84 -0.44 -15.36
C HIS A 323 -4.52 -0.88 -14.07
N PRO A 324 -5.64 -0.25 -13.68
CA PRO A 324 -6.21 -0.60 -12.37
C PRO A 324 -6.65 -2.09 -12.23
N GLU A 325 -6.79 -2.81 -13.33
CA GLU A 325 -7.11 -4.22 -13.25
C GLU A 325 -5.98 -5.00 -12.61
N TYR A 326 -4.77 -4.43 -12.60
CA TYR A 326 -3.65 -5.09 -11.93
C TYR A 326 -3.80 -5.14 -10.41
N GLN A 327 -4.68 -4.32 -9.85
CA GLN A 327 -4.93 -4.37 -8.42
C GLN A 327 -5.54 -5.69 -8.07
N TYR A 328 -6.41 -6.14 -8.95
CA TYR A 328 -7.02 -7.42 -8.79
C TYR A 328 -5.96 -8.48 -9.12
N LEU A 329 -5.37 -8.41 -10.31
CA LEU A 329 -4.46 -9.45 -10.75
C LEU A 329 -3.26 -9.62 -9.79
N ASN A 330 -2.75 -8.51 -9.26
CA ASN A 330 -1.62 -8.57 -8.33
C ASN A 330 -1.94 -9.30 -7.02
N ILE A 331 -3.21 -9.24 -6.62
CA ILE A 331 -3.68 -9.92 -5.41
C ILE A 331 -3.74 -11.41 -5.67
N ILE A 332 -4.24 -11.80 -6.83
CA ILE A 332 -4.21 -13.20 -7.25
C ILE A 332 -2.77 -13.68 -7.16
N TYR A 333 -1.86 -12.88 -7.71
CA TYR A 333 -0.48 -13.27 -7.86
C TYR A 333 0.11 -13.48 -6.50
N ASP A 334 -0.14 -12.51 -5.62
CA ASP A 334 0.34 -12.54 -4.24
C ASP A 334 -0.18 -13.74 -3.43
N ILE A 335 -1.43 -14.11 -3.63
CA ILE A 335 -2.01 -15.27 -2.94
C ILE A 335 -1.39 -16.56 -3.50
N MET A 336 -1.16 -16.62 -4.80
CA MET A 336 -0.52 -17.81 -5.40
C MET A 336 0.93 -18.07 -4.98
N MET A 337 1.69 -16.99 -4.79
CA MET A 337 3.09 -17.09 -4.44
C MET A 337 3.32 -17.14 -2.94
N ASN A 338 2.49 -16.45 -2.17
CA ASN A 338 2.69 -16.30 -0.73
C ASN A 338 1.57 -16.80 0.15
N GLY A 339 0.42 -17.15 -0.43
CA GLY A 339 -0.72 -17.60 0.35
C GLY A 339 -0.49 -18.86 1.20
N ASN A 340 -1.40 -19.08 2.14
CA ASN A 340 -1.34 -20.19 3.06
C ASN A 340 -2.30 -21.26 2.61
N LYS A 341 -1.82 -22.51 2.61
CA LYS A 341 -2.66 -23.66 2.26
C LYS A 341 -3.56 -23.92 3.45
N GLN A 342 -4.87 -23.85 3.25
CA GLN A 342 -5.81 -24.13 4.29
C GLN A 342 -6.94 -24.94 3.75
N SER A 343 -7.50 -25.77 4.62
CA SER A 343 -8.76 -26.42 4.39
C SER A 343 -9.81 -25.33 4.42
N ASP A 344 -10.99 -25.65 3.91
CA ASP A 344 -12.09 -24.71 3.95
C ASP A 344 -13.44 -25.43 4.05
N ARG A 345 -14.46 -24.66 4.44
CA ARG A 345 -15.82 -25.16 4.62
C ARG A 345 -16.31 -26.08 3.48
N THR A 346 -15.74 -25.87 2.29
CA THR A 346 -16.16 -26.55 1.08
C THR A 346 -15.42 -27.88 0.81
N GLY A 347 -14.26 -28.07 1.43
CA GLY A 347 -13.43 -29.27 1.18
C GLY A 347 -12.41 -29.16 0.04
N VAL A 348 -12.54 -28.13 -0.80
CA VAL A 348 -11.67 -27.92 -1.96
C VAL A 348 -10.29 -27.45 -1.49
N GLY A 349 -10.28 -26.63 -0.45
CA GLY A 349 -9.03 -26.02 0.02
C GLY A 349 -8.71 -24.79 -0.81
N VAL A 350 -7.92 -23.90 -0.20
CA VAL A 350 -7.62 -22.64 -0.81
C VAL A 350 -6.20 -22.28 -0.50
N LEU A 351 -5.73 -21.27 -1.22
CA LEU A 351 -4.63 -20.46 -0.79
C LEU A 351 -5.30 -19.19 -0.32
N SER A 352 -4.92 -18.70 0.86
CA SER A 352 -5.56 -17.52 1.42
C SER A 352 -4.55 -16.62 2.07
N LYS A 353 -4.91 -15.34 2.14
CA LYS A 353 -4.20 -14.31 2.91
C LYS A 353 -5.26 -13.36 3.51
N PHE A 354 -4.83 -12.44 4.34
CA PHE A 354 -5.75 -11.71 5.18
C PHE A 354 -5.46 -10.23 5.09
N GLY A 355 -6.39 -9.48 4.49
CA GLY A 355 -6.31 -8.00 4.49
C GLY A 355 -5.72 -7.36 3.24
N TYR A 356 -6.56 -6.95 2.30
CA TYR A 356 -6.12 -6.19 1.12
C TYR A 356 -7.04 -5.02 0.90
N ILE A 357 -6.61 -4.12 0.03
CA ILE A 357 -7.41 -2.97 -0.33
C ILE A 357 -7.19 -2.63 -1.79
N MET A 358 -8.29 -2.50 -2.52
CA MET A 358 -8.27 -2.06 -3.90
C MET A 358 -9.02 -0.74 -4.01
N LYS A 359 -8.52 0.19 -4.85
CA LYS A 359 -9.21 1.46 -5.13
C LYS A 359 -9.47 1.67 -6.64
N PHE A 360 -10.72 1.93 -6.97
CA PHE A 360 -11.10 2.13 -8.36
C PHE A 360 -11.78 3.49 -8.49
N ASP A 361 -11.27 4.29 -9.44
CA ASP A 361 -11.76 5.64 -9.65
C ASP A 361 -12.92 5.63 -10.64
N LEU A 362 -14.15 5.68 -10.15
CA LEU A 362 -15.33 5.57 -11.01
C LEU A 362 -15.57 6.80 -11.91
N SER A 363 -14.95 7.93 -11.59
CA SER A 363 -15.06 9.10 -12.45
C SER A 363 -14.22 8.93 -13.74
N GLN A 364 -13.39 7.90 -13.81
CA GLN A 364 -12.49 7.68 -14.94
C GLN A 364 -12.77 6.39 -15.71
N TYR A 365 -13.40 5.39 -15.08
CA TYR A 365 -13.69 4.14 -15.77
C TYR A 365 -14.72 3.33 -14.95
N PHE A 366 -15.37 2.35 -15.58
CA PHE A 366 -16.15 1.38 -14.84
C PHE A 366 -15.31 0.14 -14.80
N PRO A 367 -15.00 -0.36 -13.59
CA PRO A 367 -13.97 -1.38 -13.42
C PRO A 367 -14.46 -2.81 -13.61
N LEU A 368 -14.94 -3.10 -14.80
CA LEU A 368 -15.37 -4.43 -15.19
C LEU A 368 -14.17 -5.15 -15.76
N LEU A 369 -13.77 -6.28 -15.16
CA LEU A 369 -12.55 -6.96 -15.61
C LEU A 369 -12.56 -7.27 -17.10
N THR A 370 -11.41 -7.08 -17.73
CA THR A 370 -11.27 -7.28 -19.16
C THR A 370 -10.47 -8.54 -19.49
N THR A 371 -9.77 -9.11 -18.51
CA THR A 371 -8.96 -10.30 -18.78
C THR A 371 -9.82 -11.56 -18.82
N LYS A 372 -11.13 -11.42 -18.69
CA LYS A 372 -12.07 -12.47 -19.04
C LYS A 372 -13.44 -11.84 -19.22
N LYS A 373 -14.37 -12.60 -19.77
CA LYS A 373 -15.69 -12.05 -20.05
C LYS A 373 -16.63 -12.20 -18.85
N LEU A 374 -17.26 -11.09 -18.46
CA LEU A 374 -18.28 -11.05 -17.42
C LEU A 374 -19.57 -10.41 -17.95
N PHE A 375 -20.72 -10.83 -17.44
CA PHE A 375 -22.03 -10.20 -17.75
C PHE A 375 -22.56 -9.49 -16.52
N LEU A 376 -23.30 -8.42 -16.70
CA LEU A 376 -23.85 -7.70 -15.56
C LEU A 376 -25.36 -7.80 -15.34
N ARG A 377 -26.09 -8.51 -16.18
CA ARG A 377 -27.55 -8.53 -16.04
C ARG A 377 -27.95 -9.10 -14.66
N GLY A 378 -27.43 -10.28 -14.33
CA GLY A 378 -27.72 -10.96 -13.07
C GLY A 378 -27.43 -10.12 -11.85
N ILE A 379 -26.21 -9.59 -11.76
CA ILE A 379 -25.84 -8.82 -10.59
C ILE A 379 -26.58 -7.49 -10.55
N ILE A 380 -27.04 -6.96 -11.68
CA ILE A 380 -27.92 -5.78 -11.61
C ILE A 380 -29.28 -6.22 -11.04
N GLU A 381 -29.87 -7.28 -11.58
CA GLU A 381 -31.13 -7.81 -11.05
C GLU A 381 -31.05 -8.11 -9.56
N GLU A 382 -29.94 -8.71 -9.11
CA GLU A 382 -29.69 -9.00 -7.69
C GLU A 382 -29.74 -7.73 -6.84
N LEU A 383 -29.08 -6.68 -7.33
CA LEU A 383 -29.00 -5.40 -6.66
C LEU A 383 -30.36 -4.73 -6.57
N LEU A 384 -31.13 -4.81 -7.64
CA LEU A 384 -32.47 -4.26 -7.61
C LEU A 384 -33.37 -5.06 -6.64
N TRP A 385 -33.17 -6.37 -6.60
CA TRP A 385 -33.83 -7.24 -5.66
C TRP A 385 -33.45 -6.86 -4.21
N PHE A 386 -32.17 -6.68 -3.92
CA PHE A 386 -31.76 -6.13 -2.61
C PHE A 386 -32.55 -4.83 -2.29
N ILE A 387 -32.49 -3.87 -3.19
CA ILE A 387 -33.06 -2.53 -2.93
C ILE A 387 -34.55 -2.63 -2.61
N ARG A 388 -35.24 -3.59 -3.20
CA ARG A 388 -36.64 -3.80 -2.90
C ARG A 388 -36.92 -4.52 -1.55
N GLY A 389 -35.88 -4.96 -0.86
CA GLY A 389 -36.08 -5.69 0.38
C GLY A 389 -36.45 -7.16 0.20
N GLU A 390 -36.25 -7.71 -0.98
CA GLU A 390 -36.76 -9.05 -1.25
C GLU A 390 -35.86 -10.11 -0.69
N THR A 391 -36.44 -11.26 -0.38
CA THR A 391 -35.72 -12.44 0.10
C THR A 391 -36.19 -13.71 -0.63
N ASN A 392 -37.00 -13.51 -1.68
CA ASN A 392 -37.62 -14.59 -2.42
C ASN A 392 -36.79 -14.95 -3.64
N GLY A 393 -36.06 -16.05 -3.55
CA GLY A 393 -35.28 -16.57 -4.65
C GLY A 393 -36.03 -16.78 -5.96
N ASN A 394 -37.34 -16.99 -5.90
CA ASN A 394 -38.10 -17.24 -7.13
C ASN A 394 -38.12 -16.01 -8.04
N THR A 395 -38.07 -14.83 -7.43
CA THR A 395 -38.06 -13.58 -8.18
C THR A 395 -36.87 -13.53 -9.11
N LEU A 396 -35.72 -13.94 -8.61
CA LEU A 396 -34.51 -14.02 -9.43
C LEU A 396 -34.54 -15.18 -10.44
N LEU A 397 -34.97 -16.35 -10.01
CA LEU A 397 -35.08 -17.48 -10.94
C LEU A 397 -36.04 -17.24 -12.10
N ASN A 398 -37.06 -16.42 -11.90
CA ASN A 398 -38.02 -16.09 -12.96
C ASN A 398 -37.47 -15.13 -13.99
N LYS A 399 -36.44 -14.36 -13.61
CA LYS A 399 -35.67 -13.55 -14.54
C LYS A 399 -34.43 -14.31 -15.06
N ASN A 400 -34.42 -15.62 -14.89
CA ASN A 400 -33.31 -16.48 -15.30
C ASN A 400 -31.93 -16.06 -14.71
N VAL A 401 -31.96 -15.63 -13.46
CA VAL A 401 -30.76 -15.32 -12.68
C VAL A 401 -30.67 -16.34 -11.56
N ARG A 402 -29.57 -17.08 -11.54
CA ARG A 402 -29.46 -18.25 -10.71
C ARG A 402 -28.34 -18.11 -9.68
N ILE A 403 -27.99 -16.87 -9.36
CA ILE A 403 -26.92 -16.59 -8.40
C ILE A 403 -27.21 -17.21 -7.04
N TRP A 404 -28.47 -17.07 -6.56
CA TRP A 404 -28.90 -17.60 -5.24
C TRP A 404 -29.59 -18.94 -5.28
N GLU A 405 -29.57 -19.61 -6.42
CA GLU A 405 -30.27 -20.87 -6.58
C GLU A 405 -29.79 -21.91 -5.61
N ALA A 406 -28.50 -22.21 -5.64
CA ALA A 406 -27.98 -23.27 -4.80
C ALA A 406 -28.28 -23.07 -3.30
N ASN A 407 -28.35 -21.83 -2.83
CA ASN A 407 -28.54 -21.55 -1.41
C ASN A 407 -30.01 -21.63 -0.98
N GLY A 408 -30.90 -21.86 -1.94
CA GLY A 408 -32.32 -22.01 -1.64
C GLY A 408 -32.90 -23.41 -1.79
N THR A 409 -32.08 -24.42 -2.08
CA THR A 409 -32.64 -25.78 -2.28
C THR A 409 -33.08 -26.43 -0.98
N ARG A 410 -33.94 -27.44 -1.09
CA ARG A 410 -34.38 -28.18 0.08
C ARG A 410 -33.18 -28.60 0.89
N GLU A 411 -32.25 -29.26 0.20
CA GLU A 411 -31.05 -29.85 0.79
C GLU A 411 -30.22 -28.80 1.49
N PHE A 412 -29.97 -27.70 0.81
CA PHE A 412 -29.13 -26.67 1.36
C PHE A 412 -29.76 -26.06 2.61
N LEU A 413 -31.07 -25.82 2.58
CA LEU A 413 -31.76 -25.23 3.74
C LEU A 413 -31.78 -26.20 4.91
N ASP A 414 -31.93 -27.50 4.61
CA ASP A 414 -31.85 -28.54 5.64
C ASP A 414 -30.48 -28.59 6.30
N ASN A 415 -29.41 -28.45 5.50
CA ASN A 415 -28.07 -28.50 6.08
C ASN A 415 -27.78 -27.31 6.97
N ARG A 416 -28.47 -26.19 6.72
CA ARG A 416 -28.42 -25.03 7.62
C ARG A 416 -29.39 -25.12 8.81
N LYS A 417 -30.06 -26.26 8.96
CA LYS A 417 -31.04 -26.52 10.02
C LYS A 417 -32.34 -25.73 9.82
N LEU A 418 -32.59 -25.30 8.59
CA LEU A 418 -33.76 -24.49 8.33
C LEU A 418 -34.84 -25.36 7.74
N PHE A 419 -35.29 -26.35 8.52
CA PHE A 419 -36.22 -27.37 8.08
C PHE A 419 -37.60 -26.79 7.83
N HIS A 420 -37.92 -25.70 8.51
CA HIS A 420 -39.25 -25.05 8.38
C HIS A 420 -39.26 -23.88 7.43
N ARG A 421 -38.20 -23.76 6.64
CA ARG A 421 -38.11 -22.71 5.66
C ARG A 421 -38.52 -23.27 4.29
N GLU A 422 -39.42 -22.57 3.59
CA GLU A 422 -39.80 -22.89 2.22
C GLU A 422 -38.61 -22.71 1.28
N VAL A 423 -38.58 -23.58 0.27
CA VAL A 423 -37.54 -23.60 -0.75
C VAL A 423 -37.45 -22.24 -1.40
N ASN A 424 -36.22 -21.74 -1.55
CA ASN A 424 -35.96 -20.41 -2.09
C ASN A 424 -36.37 -19.23 -1.17
N ASP A 425 -36.80 -19.53 0.06
CA ASP A 425 -36.97 -18.49 1.05
C ASP A 425 -35.64 -18.35 1.77
N LEU A 426 -34.88 -17.33 1.39
CA LEU A 426 -33.51 -17.20 1.82
C LEU A 426 -33.39 -16.61 3.23
N GLY A 427 -34.53 -16.22 3.81
CA GLY A 427 -34.52 -15.67 5.15
C GLY A 427 -34.03 -14.25 5.13
N PRO A 428 -33.68 -13.69 6.32
CA PRO A 428 -33.39 -12.26 6.47
C PRO A 428 -32.01 -11.88 5.97
N ILE A 429 -31.80 -12.04 4.67
CA ILE A 429 -30.53 -11.72 4.03
C ILE A 429 -30.53 -10.25 3.63
N TYR A 430 -29.52 -9.86 2.85
CA TYR A 430 -29.26 -8.47 2.45
C TYR A 430 -30.45 -7.53 2.35
N GLY A 431 -31.35 -7.81 1.41
CA GLY A 431 -32.48 -6.92 1.14
C GLY A 431 -33.25 -6.60 2.40
N PHE A 432 -33.51 -7.65 3.17
CA PHE A 432 -34.21 -7.51 4.43
C PHE A 432 -33.45 -6.66 5.45
N GLN A 433 -32.15 -6.90 5.60
CA GLN A 433 -31.34 -6.09 6.50
C GLN A 433 -31.21 -4.64 6.04
N TRP A 434 -31.09 -4.40 4.74
CA TRP A 434 -31.07 -3.04 4.20
C TRP A 434 -32.35 -2.26 4.43
N ARG A 435 -33.51 -2.92 4.34
CA ARG A 435 -34.78 -2.22 4.49
C ARG A 435 -35.46 -2.37 5.83
N HIS A 436 -35.15 -3.42 6.59
CA HIS A 436 -35.91 -3.79 7.80
C HIS A 436 -35.09 -4.31 8.95
N PHE A 437 -33.83 -3.89 9.06
CA PHE A 437 -32.95 -4.39 10.11
C PHE A 437 -33.65 -4.36 11.46
N GLY A 438 -33.74 -5.54 12.09
CA GLY A 438 -34.24 -5.65 13.43
C GLY A 438 -35.65 -6.15 13.51
N ALA A 439 -36.34 -6.15 12.38
CA ALA A 439 -37.69 -6.71 12.31
C ALA A 439 -37.62 -8.19 12.47
N GLU A 440 -38.69 -8.76 13.01
CA GLU A 440 -38.80 -10.21 13.13
C GLU A 440 -39.09 -10.81 11.76
N TYR A 441 -38.22 -11.69 11.28
CA TYR A 441 -38.44 -12.33 9.99
C TYR A 441 -39.49 -13.41 10.17
N THR A 442 -40.44 -13.48 9.23
CA THR A 442 -41.47 -14.51 9.23
C THR A 442 -41.26 -15.43 8.04
N ASN A 443 -41.70 -14.99 6.87
CA ASN A 443 -41.42 -15.67 5.60
C ASN A 443 -41.21 -14.64 4.46
N MET A 444 -40.84 -15.11 3.28
CA MET A 444 -40.50 -14.21 2.19
C MET A 444 -41.67 -13.50 1.56
N TYR A 445 -42.90 -13.88 1.94
CA TYR A 445 -44.09 -13.26 1.33
C TYR A 445 -44.70 -12.17 2.18
N ASP A 446 -44.26 -12.07 3.43
CA ASP A 446 -44.90 -11.19 4.39
C ASP A 446 -44.68 -9.74 3.97
N ASN A 447 -45.60 -8.89 4.38
CA ASN A 447 -45.49 -7.47 4.19
C ASN A 447 -44.80 -6.87 5.43
N TYR A 448 -43.58 -6.36 5.25
CA TYR A 448 -42.76 -5.85 6.36
C TYR A 448 -42.78 -4.33 6.51
N GLU A 449 -43.69 -3.68 5.78
CA GLU A 449 -43.89 -2.23 5.84
C GLU A 449 -43.64 -1.62 7.21
N ASN A 450 -42.76 -0.62 7.25
CA ASN A 450 -42.45 0.15 8.45
C ASN A 450 -42.02 -0.67 9.66
N LYS A 451 -41.42 -1.84 9.40
CA LYS A 451 -40.84 -2.64 10.46
C LYS A 451 -39.35 -2.66 10.27
N GLY A 452 -38.63 -2.57 11.38
CA GLY A 452 -37.19 -2.54 11.36
C GLY A 452 -36.68 -1.21 10.86
N VAL A 453 -35.36 -1.08 10.82
CA VAL A 453 -34.73 0.16 10.42
C VAL A 453 -34.45 0.12 8.93
N ASP A 454 -34.98 1.10 8.19
CA ASP A 454 -34.76 1.23 6.75
C ASP A 454 -33.41 1.93 6.50
N GLN A 455 -32.34 1.16 6.61
CA GLN A 455 -31.01 1.71 6.54
C GLN A 455 -30.72 2.42 5.23
N LEU A 456 -31.16 1.82 4.13
CA LEU A 456 -30.93 2.41 2.81
C LEU A 456 -31.42 3.84 2.78
N LYS A 457 -32.66 4.02 3.23
CA LYS A 457 -33.31 5.32 3.29
C LYS A 457 -32.49 6.28 4.16
N ASN A 458 -32.08 5.82 5.32
CA ASN A 458 -31.32 6.64 6.25
C ASN A 458 -29.99 7.11 5.63
N ILE A 459 -29.26 6.21 4.98
CA ILE A 459 -27.96 6.59 4.44
C ILE A 459 -28.12 7.60 3.29
N ILE A 460 -29.14 7.43 2.48
CA ILE A 460 -29.43 8.42 1.45
C ILE A 460 -29.76 9.79 2.08
N ASN A 461 -30.59 9.81 3.14
CA ASN A 461 -30.89 11.07 3.82
C ASN A 461 -29.66 11.71 4.42
N LEU A 462 -28.78 10.89 5.01
CA LEU A 462 -27.53 11.41 5.60
C LEU A 462 -26.61 12.01 4.54
N ILE A 463 -26.48 11.32 3.42
CA ILE A 463 -25.71 11.82 2.31
C ILE A 463 -26.27 13.16 1.79
N LYS A 464 -27.60 13.26 1.68
CA LYS A 464 -28.24 14.49 1.25
C LYS A 464 -28.12 15.63 2.28
N ASN A 465 -28.31 15.35 3.56
CA ASN A 465 -28.51 16.41 4.56
C ASN A 465 -27.41 16.56 5.58
N ASP A 466 -26.46 15.64 5.62
CA ASP A 466 -25.40 15.67 6.61
C ASP A 466 -24.19 14.98 5.99
N PRO A 467 -23.77 15.45 4.81
CA PRO A 467 -22.74 14.74 4.04
C PRO A 467 -21.41 14.52 4.76
N THR A 468 -21.06 15.36 5.72
CA THR A 468 -19.80 15.19 6.42
C THR A 468 -19.90 14.23 7.60
N SER A 469 -21.06 13.60 7.74
CA SER A 469 -21.20 12.56 8.76
C SER A 469 -20.22 11.42 8.52
N ARG A 470 -19.79 10.82 9.62
CA ARG A 470 -18.89 9.70 9.60
C ARG A 470 -19.62 8.45 10.05
N ARG A 471 -20.95 8.50 9.96
CA ARG A 471 -21.81 7.44 10.40
C ARG A 471 -22.69 6.97 9.24
N ILE A 472 -22.28 7.25 8.01
CA ILE A 472 -23.05 6.83 6.85
C ILE A 472 -22.64 5.39 6.52
N LEU A 473 -23.18 4.42 7.25
CA LEU A 473 -22.89 3.03 7.03
C LEU A 473 -24.12 2.19 6.79
N LEU A 474 -23.97 1.19 5.94
CA LEU A 474 -25.03 0.26 5.62
C LEU A 474 -24.49 -1.12 5.97
N CYS A 475 -25.17 -1.86 6.84
CA CYS A 475 -24.62 -3.09 7.43
C CYS A 475 -25.54 -4.27 7.22
N ALA A 476 -25.03 -5.35 6.65
CA ALA A 476 -25.84 -6.56 6.46
C ALA A 476 -25.59 -7.62 7.53
N TRP A 477 -24.53 -7.47 8.31
CA TRP A 477 -24.17 -8.42 9.36
C TRP A 477 -24.98 -8.18 10.59
N ASN A 478 -26.20 -8.68 10.55
CA ASN A 478 -27.09 -8.64 11.69
C ASN A 478 -26.88 -9.93 12.49
N VAL A 479 -26.08 -9.81 13.56
CA VAL A 479 -25.65 -10.93 14.40
C VAL A 479 -26.81 -11.80 14.88
N LYS A 480 -27.91 -11.16 15.23
CA LYS A 480 -29.08 -11.85 15.73
C LYS A 480 -29.68 -12.80 14.69
N ASP A 481 -29.58 -12.43 13.42
CA ASP A 481 -30.31 -13.10 12.35
C ASP A 481 -29.45 -14.07 11.56
N LEU A 482 -28.16 -14.11 11.85
CA LEU A 482 -27.23 -14.87 11.05
C LEU A 482 -27.73 -16.29 10.77
N ASP A 483 -28.08 -17.02 11.82
CA ASP A 483 -28.48 -18.41 11.65
C ASP A 483 -29.75 -18.59 10.81
N GLN A 484 -30.59 -17.56 10.72
CA GLN A 484 -31.87 -17.66 9.97
C GLN A 484 -31.66 -17.34 8.50
N MET A 485 -30.47 -16.88 8.13
CA MET A 485 -30.15 -16.62 6.73
C MET A 485 -29.70 -17.92 6.08
N ALA A 486 -30.02 -18.12 4.82
CA ALA A 486 -29.49 -19.25 4.08
C ALA A 486 -27.99 -19.36 4.25
N LEU A 487 -27.31 -18.22 4.22
CA LEU A 487 -25.90 -18.13 4.68
C LEU A 487 -25.57 -16.71 5.10
N PRO A 488 -24.58 -16.53 5.98
CA PRO A 488 -24.27 -15.15 6.41
C PRO A 488 -23.73 -14.29 5.27
N PRO A 489 -23.89 -12.95 5.34
CA PRO A 489 -23.43 -12.12 4.23
C PRO A 489 -21.91 -12.02 4.17
N CYS A 490 -21.38 -11.93 2.96
CA CYS A 490 -19.94 -11.77 2.74
C CYS A 490 -19.61 -10.30 2.67
N HIS A 491 -20.56 -9.51 2.18
CA HIS A 491 -20.40 -8.06 2.13
C HIS A 491 -21.01 -7.49 3.35
N ILE A 492 -20.15 -7.18 4.30
CA ILE A 492 -20.55 -6.86 5.67
C ILE A 492 -21.13 -5.47 5.75
N LEU A 493 -20.45 -4.52 5.09
CA LEU A 493 -20.84 -3.13 5.20
C LEU A 493 -20.34 -2.27 4.05
N CYS A 494 -21.03 -1.14 3.87
CA CYS A 494 -20.68 -0.05 2.98
C CYS A 494 -20.59 1.20 3.82
N GLN A 495 -19.48 1.91 3.74
CA GLN A 495 -19.44 3.23 4.32
C GLN A 495 -19.29 4.25 3.20
N PHE A 496 -20.00 5.36 3.35
CA PHE A 496 -19.94 6.38 2.33
C PHE A 496 -19.18 7.56 2.82
N TYR A 497 -18.61 8.29 1.87
CA TYR A 497 -17.87 9.52 2.13
C TYR A 497 -18.22 10.55 1.06
N VAL A 498 -18.46 11.80 1.49
CA VAL A 498 -18.81 12.88 0.61
C VAL A 498 -17.84 14.06 0.71
N PHE A 499 -17.28 14.48 -0.41
CA PHE A 499 -16.50 15.71 -0.50
C PHE A 499 -16.68 16.41 -1.85
N ASP A 500 -16.88 17.72 -1.81
CA ASP A 500 -16.91 18.56 -3.02
C ASP A 500 -17.87 17.96 -4.08
N GLY A 501 -19.05 17.58 -3.64
CA GLY A 501 -20.07 17.08 -4.53
C GLY A 501 -19.82 15.68 -5.07
N LYS A 502 -18.92 14.93 -4.42
CA LYS A 502 -18.48 13.64 -4.93
C LYS A 502 -18.57 12.55 -3.87
N LEU A 503 -19.02 11.38 -4.29
CA LEU A 503 -19.35 10.28 -3.39
C LEU A 503 -18.40 9.12 -3.56
N SER A 504 -17.71 8.75 -2.48
CA SER A 504 -16.94 7.52 -2.45
C SER A 504 -17.57 6.50 -1.51
N CYS A 505 -17.26 5.23 -1.76
CA CYS A 505 -17.81 4.12 -1.03
C CYS A 505 -16.72 3.10 -0.67
N ILE A 506 -16.67 2.70 0.60
CA ILE A 506 -15.86 1.57 1.04
C ILE A 506 -16.80 0.41 1.31
N MET A 507 -16.52 -0.75 0.74
CA MET A 507 -17.23 -1.96 1.11
C MET A 507 -16.25 -2.95 1.73
N TYR A 508 -16.61 -3.52 2.88
CA TYR A 508 -15.76 -4.51 3.53
C TYR A 508 -16.29 -5.91 3.29
N GLN A 509 -15.44 -6.78 2.77
CA GLN A 509 -15.86 -8.11 2.42
C GLN A 509 -15.14 -9.08 3.32
N ARG A 510 -15.88 -9.75 4.20
CA ARG A 510 -15.28 -10.67 5.16
C ARG A 510 -14.61 -11.90 4.52
N SER A 511 -15.11 -12.32 3.36
CA SER A 511 -14.67 -13.53 2.71
C SER A 511 -14.77 -13.38 1.18
N CYS A 512 -13.69 -13.68 0.48
CA CYS A 512 -13.56 -13.25 -0.90
C CYS A 512 -13.03 -14.34 -1.77
N ASP A 513 -13.88 -14.82 -2.68
CA ASP A 513 -13.50 -15.81 -3.67
C ASP A 513 -12.87 -15.03 -4.81
N LEU A 514 -11.53 -14.97 -4.79
CA LEU A 514 -10.84 -14.16 -5.75
C LEU A 514 -11.19 -14.59 -7.15
N GLY A 515 -11.25 -15.91 -7.37
CA GLY A 515 -11.44 -16.46 -8.69
C GLY A 515 -12.75 -16.07 -9.33
N LEU A 516 -13.85 -16.19 -8.57
CA LEU A 516 -15.22 -16.07 -9.13
C LEU A 516 -16.06 -14.92 -8.60
N GLY A 517 -16.04 -14.72 -7.30
CA GLY A 517 -16.92 -13.77 -6.68
C GLY A 517 -16.44 -12.35 -6.85
N VAL A 518 -15.15 -12.13 -6.62
CA VAL A 518 -14.58 -10.78 -6.52
C VAL A 518 -14.81 -9.95 -7.79
N PRO A 519 -14.63 -10.55 -8.98
CA PRO A 519 -14.91 -9.74 -10.18
C PRO A 519 -16.35 -9.19 -10.21
N PHE A 520 -17.31 -10.01 -9.79
CA PHE A 520 -18.70 -9.57 -9.74
C PHE A 520 -18.99 -8.57 -8.59
N ASN A 521 -18.37 -8.78 -7.43
CA ASN A 521 -18.56 -7.89 -6.29
C ASN A 521 -18.05 -6.45 -6.55
N ILE A 522 -16.92 -6.36 -7.25
CA ILE A 522 -16.39 -5.08 -7.72
C ILE A 522 -17.44 -4.35 -8.55
N ALA A 523 -17.98 -5.06 -9.53
CA ALA A 523 -18.99 -4.52 -10.40
C ALA A 523 -20.21 -4.07 -9.64
N SER A 524 -20.74 -4.94 -8.77
CA SER A 524 -21.98 -4.67 -8.04
C SER A 524 -21.92 -3.38 -7.27
N TYR A 525 -20.89 -3.24 -6.45
CA TYR A 525 -20.77 -2.09 -5.57
C TYR A 525 -20.35 -0.82 -6.29
N SER A 526 -19.65 -0.95 -7.43
CA SER A 526 -19.40 0.19 -8.28
C SER A 526 -20.72 0.67 -8.83
N ILE A 527 -21.53 -0.23 -9.36
CA ILE A 527 -22.85 0.16 -9.82
C ILE A 527 -23.64 0.84 -8.68
N PHE A 528 -23.56 0.28 -7.46
CA PHE A 528 -24.36 0.77 -6.33
C PHE A 528 -23.92 2.16 -5.95
N THR A 529 -22.61 2.39 -5.98
CA THR A 529 -22.06 3.73 -5.77
C THR A 529 -22.58 4.73 -6.82
N HIS A 530 -22.67 4.29 -8.07
CA HIS A 530 -23.27 5.14 -9.11
C HIS A 530 -24.70 5.46 -8.74
N MET A 531 -25.46 4.44 -8.39
CA MET A 531 -26.89 4.63 -8.14
C MET A 531 -27.09 5.61 -6.99
N ILE A 532 -26.34 5.47 -5.90
CA ILE A 532 -26.53 6.32 -4.74
C ILE A 532 -26.08 7.73 -5.07
N ALA A 533 -24.91 7.87 -5.70
CA ALA A 533 -24.41 9.17 -6.09
C ALA A 533 -25.47 9.92 -6.86
N GLN A 534 -26.11 9.24 -7.81
CA GLN A 534 -27.08 9.89 -8.68
C GLN A 534 -28.33 10.37 -7.98
N VAL A 535 -28.96 9.50 -7.20
CA VAL A 535 -30.20 9.92 -6.50
C VAL A 535 -29.91 10.88 -5.36
N CYS A 536 -28.64 11.10 -5.06
CA CYS A 536 -28.24 12.17 -4.14
C CYS A 536 -27.60 13.38 -4.85
N ASN A 537 -27.75 13.51 -6.17
CA ASN A 537 -27.12 14.59 -6.92
C ASN A 537 -25.60 14.77 -6.68
N LEU A 538 -24.89 13.66 -6.54
CA LEU A 538 -23.42 13.70 -6.45
C LEU A 538 -22.86 13.02 -7.66
N GLN A 539 -21.55 13.17 -7.87
CA GLN A 539 -20.86 12.40 -8.91
C GLN A 539 -20.11 11.27 -8.21
N PRO A 540 -20.03 10.10 -8.86
CA PRO A 540 -19.33 9.00 -8.23
C PRO A 540 -17.85 9.27 -8.22
N ALA A 541 -17.16 8.95 -7.13
CA ALA A 541 -15.71 9.09 -7.07
C ALA A 541 -15.00 7.73 -6.93
N GLN A 542 -14.60 7.35 -5.72
CA GLN A 542 -13.87 6.08 -5.54
C GLN A 542 -14.73 4.95 -5.01
N PHE A 543 -14.65 3.79 -5.64
CA PHE A 543 -15.07 2.56 -4.97
C PHE A 543 -13.82 1.98 -4.38
N ILE A 544 -13.86 1.71 -3.08
CA ILE A 544 -12.72 1.21 -2.32
C ILE A 544 -13.11 -0.12 -1.74
N HIS A 545 -12.41 -1.18 -2.10
CA HIS A 545 -12.81 -2.54 -1.75
C HIS A 545 -11.86 -3.15 -0.76
N VAL A 546 -12.34 -3.49 0.44
CA VAL A 546 -11.49 -4.07 1.48
C VAL A 546 -11.78 -5.55 1.64
N LEU A 547 -10.75 -6.38 1.53
CA LEU A 547 -10.90 -7.81 1.59
C LEU A 547 -10.36 -8.35 2.90
N GLY A 548 -11.15 -9.19 3.55
CA GLY A 548 -10.72 -9.86 4.77
C GLY A 548 -10.07 -11.16 4.39
N ASN A 549 -10.82 -12.26 4.52
CA ASN A 549 -10.28 -13.57 4.14
C ASN A 549 -10.30 -13.65 2.63
N ALA A 550 -9.15 -13.42 2.03
CA ALA A 550 -9.01 -13.36 0.55
C ALA A 550 -8.40 -14.67 0.10
N HIS A 551 -9.16 -15.43 -0.67
CA HIS A 551 -8.72 -16.77 -1.03
C HIS A 551 -8.88 -17.13 -2.49
N VAL A 552 -7.95 -17.95 -2.96
CA VAL A 552 -8.05 -18.60 -4.27
C VAL A 552 -8.37 -20.08 -4.07
N TYR A 553 -9.50 -20.53 -4.55
CA TYR A 553 -9.80 -21.97 -4.54
C TYR A 553 -8.83 -22.73 -5.42
N ASN A 554 -8.31 -23.84 -4.91
CA ASN A 554 -7.40 -24.69 -5.72
C ASN A 554 -7.95 -25.06 -7.08
N ASN A 555 -9.24 -25.28 -7.20
CA ASN A 555 -9.77 -25.65 -8.51
C ASN A 555 -9.74 -24.50 -9.52
N HIS A 556 -9.31 -23.30 -9.09
CA HIS A 556 -9.28 -22.11 -9.95
C HIS A 556 -7.90 -21.75 -10.41
N ILE A 557 -6.88 -22.28 -9.75
CA ILE A 557 -5.48 -21.93 -9.99
C ILE A 557 -5.06 -21.95 -11.48
N ASP A 558 -5.36 -23.02 -12.21
CA ASP A 558 -4.93 -23.15 -13.61
C ASP A 558 -5.61 -22.13 -14.53
N SER A 559 -6.90 -21.92 -14.33
CA SER A 559 -7.60 -20.87 -15.02
C SER A 559 -7.12 -19.44 -14.66
N LEU A 560 -6.67 -19.24 -13.41
CA LEU A 560 -6.11 -17.95 -13.00
C LEU A 560 -4.67 -17.71 -13.49
N LYS A 561 -3.91 -18.79 -13.68
CA LYS A 561 -2.59 -18.70 -14.32
C LYS A 561 -2.74 -18.23 -15.78
N ILE A 562 -3.78 -18.70 -16.46
CA ILE A 562 -4.02 -18.26 -17.83
C ILE A 562 -4.33 -16.76 -17.85
N GLN A 563 -5.32 -16.35 -17.04
CA GLN A 563 -5.81 -14.98 -17.00
C GLN A 563 -4.74 -13.95 -16.63
N LEU A 564 -3.93 -14.27 -15.62
CA LEU A 564 -2.84 -13.40 -15.19
C LEU A 564 -1.79 -13.10 -16.27
N ASN A 565 -1.87 -13.78 -17.40
CA ASN A 565 -0.96 -13.55 -18.52
C ASN A 565 -1.66 -12.85 -19.69
N ARG A 566 -2.92 -12.48 -19.47
CA ARG A 566 -3.61 -11.63 -20.38
C ARG A 566 -3.37 -10.17 -19.98
N ILE A 567 -3.24 -9.30 -20.98
CA ILE A 567 -3.02 -7.90 -20.78
C ILE A 567 -4.38 -7.25 -20.79
N PRO A 568 -4.71 -6.46 -19.77
CA PRO A 568 -6.03 -5.82 -19.76
C PRO A 568 -6.23 -4.82 -20.91
N TYR A 569 -7.51 -4.52 -21.19
CA TYR A 569 -7.92 -3.57 -22.20
C TYR A 569 -8.47 -2.36 -21.47
N PRO A 570 -8.56 -1.23 -22.17
CA PRO A 570 -9.12 -0.12 -21.44
C PRO A 570 -10.52 -0.50 -20.99
N PHE A 571 -10.85 -0.12 -19.77
CA PHE A 571 -12.13 -0.40 -19.17
C PHE A 571 -13.28 0.25 -19.93
N PRO A 572 -14.51 -0.25 -19.76
CA PRO A 572 -15.70 0.36 -20.29
C PRO A 572 -16.21 1.49 -19.40
N THR A 573 -17.37 2.03 -19.76
CA THR A 573 -18.09 2.99 -18.94
C THR A 573 -19.50 2.49 -18.63
N LEU A 574 -20.12 3.07 -17.59
CA LEU A 574 -21.48 2.73 -17.18
C LEU A 574 -22.32 3.98 -17.30
N LYS A 575 -23.46 3.89 -17.96
CA LYS A 575 -24.38 5.01 -18.01
C LYS A 575 -25.70 4.63 -17.39
N LEU A 576 -26.22 5.53 -16.56
CA LEU A 576 -27.53 5.37 -15.95
C LEU A 576 -28.49 6.35 -16.58
N ASN A 577 -29.74 5.91 -16.71
CA ASN A 577 -30.82 6.80 -17.05
C ASN A 577 -30.75 7.97 -16.08
N PRO A 578 -30.52 9.19 -16.58
CA PRO A 578 -30.39 10.32 -15.65
C PRO A 578 -31.73 10.79 -15.08
N ASP A 579 -32.84 10.29 -15.61
CA ASP A 579 -34.15 10.69 -15.11
C ASP A 579 -34.57 9.96 -13.81
N ILE A 580 -33.81 8.94 -13.39
CA ILE A 580 -34.12 8.21 -12.15
C ILE A 580 -33.56 8.98 -10.97
N LYS A 581 -34.43 9.40 -10.06
CA LYS A 581 -34.03 10.27 -8.95
C LYS A 581 -34.28 9.66 -7.58
N ASN A 582 -34.90 8.49 -7.52
CA ASN A 582 -35.03 7.79 -6.26
C ASN A 582 -34.52 6.36 -6.42
N ILE A 583 -33.76 5.92 -5.40
CA ILE A 583 -33.08 4.63 -5.42
C ILE A 583 -34.00 3.44 -5.72
N GLU A 584 -35.28 3.58 -5.41
CA GLU A 584 -36.24 2.50 -5.60
C GLU A 584 -36.82 2.46 -7.03
N ASP A 585 -36.47 3.45 -7.87
CA ASP A 585 -37.07 3.58 -9.20
C ASP A 585 -36.27 3.00 -10.36
N PHE A 586 -35.09 2.43 -10.10
CA PHE A 586 -34.28 1.88 -11.19
C PHE A 586 -34.84 0.55 -11.72
N THR A 587 -34.77 0.34 -13.03
CA THR A 587 -35.14 -0.93 -13.64
C THR A 587 -33.97 -1.34 -14.53
N ILE A 588 -33.92 -2.60 -14.92
CA ILE A 588 -32.75 -3.14 -15.63
C ILE A 588 -32.35 -2.31 -16.86
N SER A 589 -33.34 -1.78 -17.55
CA SER A 589 -33.09 -1.03 -18.77
C SER A 589 -32.51 0.37 -18.51
N ASP A 590 -32.45 0.83 -17.26
CA ASP A 590 -31.82 2.12 -16.93
C ASP A 590 -30.29 2.01 -16.83
N PHE A 591 -29.73 0.83 -17.13
CA PHE A 591 -28.28 0.58 -17.04
C PHE A 591 -27.71 0.17 -18.38
N THR A 592 -26.64 0.85 -18.82
CA THR A 592 -25.92 0.46 -20.03
C THR A 592 -24.41 0.44 -19.82
N ILE A 593 -23.80 -0.68 -20.20
CA ILE A 593 -22.36 -0.79 -20.25
C ILE A 593 -21.90 -0.51 -21.68
N GLN A 594 -21.02 0.47 -21.84
CA GLN A 594 -20.49 0.82 -23.15
C GLN A 594 -18.99 0.55 -23.34
N ASN A 595 -18.65 0.10 -24.53
CA ASN A 595 -17.29 -0.12 -24.93
C ASN A 595 -16.56 -1.14 -24.09
N TYR A 596 -17.25 -2.19 -23.67
CA TYR A 596 -16.60 -3.25 -22.96
C TYR A 596 -15.75 -4.02 -23.95
N VAL A 597 -14.43 -3.92 -23.83
CA VAL A 597 -13.51 -4.72 -24.63
C VAL A 597 -12.86 -5.74 -23.71
N HIS A 598 -12.91 -7.01 -24.07
CA HIS A 598 -12.51 -8.10 -23.16
C HIS A 598 -11.95 -9.29 -23.85
N HIS A 599 -11.06 -9.97 -23.14
CA HIS A 599 -10.59 -11.29 -23.54
C HIS A 599 -11.70 -12.29 -23.43
N GLU A 600 -11.45 -13.55 -23.81
CA GLU A 600 -12.54 -14.53 -23.92
C GLU A 600 -12.93 -15.14 -22.58
N LYS A 601 -14.17 -15.59 -22.54
CA LYS A 601 -14.75 -16.31 -21.41
C LYS A 601 -13.76 -17.32 -20.86
N ILE A 602 -13.76 -17.48 -19.54
CA ILE A 602 -13.00 -18.55 -18.90
C ILE A 602 -13.93 -19.28 -17.95
N SER A 603 -13.98 -20.61 -18.05
CA SER A 603 -14.61 -21.42 -17.02
C SER A 603 -13.59 -21.59 -15.93
N MET A 604 -13.94 -21.17 -14.71
CA MET A 604 -13.14 -21.47 -13.53
C MET A 604 -13.72 -22.79 -12.99
N ASP A 605 -13.22 -23.90 -13.53
CA ASP A 605 -14.03 -25.15 -13.54
C ASP A 605 -14.04 -25.94 -12.22
N MET B 2 36.54 20.57 -1.03
CA MET B 2 37.85 19.89 -0.82
C MET B 2 37.62 18.53 -0.16
N GLU B 3 38.18 17.48 -0.77
CA GLU B 3 37.99 16.09 -0.34
C GLU B 3 38.50 15.83 1.09
N GLN B 4 37.72 15.05 1.86
CA GLN B 4 38.10 14.66 3.22
C GLN B 4 38.45 13.17 3.31
N VAL B 5 39.24 12.82 4.32
CA VAL B 5 39.85 11.49 4.45
C VAL B 5 38.81 10.37 4.48
N CYS B 6 37.83 10.50 5.38
CA CYS B 6 36.76 9.50 5.50
C CYS B 6 35.93 9.41 4.21
N ASP B 7 35.78 10.54 3.52
CA ASP B 7 35.08 10.58 2.24
C ASP B 7 35.85 9.85 1.12
N VAL B 8 37.18 9.91 1.16
CA VAL B 8 38.01 9.30 0.13
C VAL B 8 38.18 7.82 0.39
N PHE B 9 38.49 7.49 1.63
CA PHE B 9 38.83 6.12 2.00
C PHE B 9 37.60 5.30 2.43
N ASP B 10 36.46 5.97 2.51
CA ASP B 10 35.20 5.33 2.87
C ASP B 10 35.29 4.58 4.19
N ILE B 11 35.60 5.33 5.24
CA ILE B 11 35.68 4.80 6.61
C ILE B 11 34.33 5.00 7.30
N TYR B 12 33.74 3.90 7.73
CA TYR B 12 32.48 3.90 8.46
C TYR B 12 32.67 3.21 9.79
N ALA B 13 31.77 3.50 10.72
CA ALA B 13 31.69 2.79 12.00
C ALA B 13 30.44 1.93 12.02
N ILE B 14 30.55 0.74 12.59
CA ILE B 14 29.38 -0.11 12.81
C ILE B 14 29.42 -0.56 14.26
N CYS B 15 28.28 -0.43 14.95
CA CYS B 15 28.17 -0.78 16.37
C CYS B 15 26.76 -1.21 16.78
N ALA B 16 26.67 -1.68 18.02
CA ALA B 16 25.41 -2.09 18.64
C ALA B 16 25.41 -1.56 20.08
N CYS B 17 24.36 -0.84 20.47
CA CYS B 17 24.26 -0.36 21.84
C CYS B 17 22.93 -0.71 22.49
N CYS B 18 23.00 -1.25 23.70
CA CYS B 18 21.85 -1.57 24.51
C CYS B 18 21.61 -0.48 25.52
N LYS B 19 20.60 -0.64 26.36
CA LYS B 19 20.35 0.31 27.45
C LYS B 19 21.17 -0.06 28.67
N VAL B 20 21.47 0.93 29.48
CA VAL B 20 22.35 0.77 30.64
C VAL B 20 21.62 1.04 31.94
N GLU B 21 21.73 0.11 32.90
CA GLU B 21 21.05 0.27 34.18
C GLU B 21 21.72 1.31 35.07
N SER B 22 20.90 2.18 35.66
CA SER B 22 21.32 3.06 36.74
C SER B 22 21.00 2.39 38.07
N LYS B 23 21.93 2.49 39.02
CA LYS B 23 21.67 2.04 40.39
C LYS B 23 20.63 2.96 41.03
N ASN B 24 20.71 4.25 40.70
CA ASN B 24 19.66 5.21 41.06
C ASN B 24 18.37 4.84 40.33
N GLU B 25 17.48 4.14 41.02
CA GLU B 25 16.16 3.80 40.46
C GLU B 25 15.47 5.09 39.98
N GLY B 26 14.98 5.06 38.75
CA GLY B 26 14.28 6.21 38.16
C GLY B 26 13.05 6.60 38.97
N LYS B 27 13.28 7.42 40.00
CA LYS B 27 12.20 7.87 40.90
C LYS B 27 11.29 8.92 40.22
N LYS B 28 11.87 9.65 39.24
CA LYS B 28 11.08 10.49 38.32
C LYS B 28 11.01 9.85 36.92
N ASN B 29 10.19 10.44 36.05
CA ASN B 29 9.99 9.93 34.69
C ASN B 29 11.32 9.95 33.92
N GLU B 30 11.80 8.79 33.50
CA GLU B 30 13.05 8.71 32.73
C GLU B 30 12.92 9.49 31.42
N VAL B 31 13.98 10.19 31.06
CA VAL B 31 14.00 10.99 29.85
C VAL B 31 14.80 10.21 28.84
N PHE B 32 14.27 10.11 27.63
CA PHE B 32 14.92 9.31 26.61
C PHE B 32 15.47 10.19 25.48
N ASN B 33 16.58 9.73 24.90
CA ASN B 33 17.14 10.29 23.68
C ASN B 33 18.01 9.22 23.01
N ASN B 34 18.72 9.59 21.95
CA ASN B 34 19.58 8.64 21.27
C ASN B 34 20.65 8.07 22.20
N TYR B 35 21.16 8.90 23.10
CA TYR B 35 22.18 8.49 24.06
C TYR B 35 21.72 7.40 25.06
N THR B 36 20.40 7.23 25.23
CA THR B 36 19.86 6.11 26.00
C THR B 36 20.45 4.77 25.57
N PHE B 37 20.69 4.62 24.27
CA PHE B 37 21.31 3.42 23.74
C PHE B 37 22.80 3.71 23.59
N ARG B 38 23.57 3.34 24.61
CA ARG B 38 25.02 3.59 24.61
C ARG B 38 25.88 2.46 25.16
N GLY B 39 25.28 1.36 25.59
CA GLY B 39 26.02 0.28 26.22
C GLY B 39 26.69 -0.64 25.22
N LEU B 40 28.02 -0.69 25.25
CA LEU B 40 28.82 -1.45 24.27
C LEU B 40 29.31 -2.80 24.77
N GLY B 41 29.85 -2.82 25.99
CA GLY B 41 30.55 -4.01 26.48
C GLY B 41 30.44 -4.22 27.98
N ASN B 42 30.74 -5.45 28.41
CA ASN B 42 30.82 -5.79 29.82
C ASN B 42 31.83 -6.91 30.03
N LYS B 43 32.83 -6.65 30.87
CA LYS B 43 33.86 -7.64 31.24
C LYS B 43 34.49 -8.29 30.01
N GLY B 44 34.85 -7.45 29.04
CA GLY B 44 35.52 -7.90 27.81
C GLY B 44 34.66 -8.60 26.78
N VAL B 45 33.35 -8.69 27.03
CA VAL B 45 32.38 -9.30 26.10
C VAL B 45 31.17 -8.37 25.88
N LEU B 46 30.19 -8.83 25.10
CA LEU B 46 28.96 -8.03 24.87
C LEU B 46 28.05 -8.10 26.11
N PRO B 47 27.33 -6.99 26.40
CA PRO B 47 26.44 -6.97 27.57
C PRO B 47 25.27 -7.97 27.54
N TRP B 48 24.88 -8.39 26.34
CA TRP B 48 23.76 -9.33 26.14
C TRP B 48 24.23 -10.69 25.68
N LYS B 49 25.53 -10.89 25.74
CA LYS B 49 26.17 -12.18 25.34
C LYS B 49 26.14 -12.41 23.83
N CYS B 50 24.97 -12.70 23.27
CA CYS B 50 24.82 -12.83 21.83
C CYS B 50 23.45 -12.34 21.36
N ASN B 51 23.40 -11.76 20.17
CA ASN B 51 22.14 -11.50 19.46
C ASN B 51 22.27 -11.98 18.03
N SER B 52 21.56 -13.05 17.68
CA SER B 52 21.79 -13.72 16.41
C SER B 52 21.36 -12.89 15.19
N LEU B 53 20.49 -11.88 15.37
CA LEU B 53 20.08 -11.05 14.24
C LEU B 53 21.02 -9.88 14.08
N ASP B 54 21.51 -9.36 15.20
CA ASP B 54 22.52 -8.32 15.13
C ASP B 54 23.79 -8.91 14.51
N MET B 55 24.10 -10.15 14.87
CA MET B 55 25.29 -10.84 14.38
C MET B 55 25.19 -11.10 12.88
N LYS B 56 24.00 -11.46 12.42
CA LYS B 56 23.74 -11.61 11.00
C LYS B 56 23.90 -10.26 10.27
N TYR B 57 23.43 -9.19 10.88
CA TYR B 57 23.51 -7.85 10.27
C TYR B 57 24.96 -7.36 10.18
N PHE B 58 25.70 -7.52 11.28
CA PHE B 58 27.12 -7.18 11.30
C PHE B 58 27.85 -7.88 10.17
N CYS B 59 27.70 -9.20 10.08
CA CYS B 59 28.34 -9.97 9.01
C CYS B 59 27.91 -9.44 7.64
N ALA B 60 26.61 -9.41 7.40
CA ALA B 60 26.06 -8.94 6.14
C ALA B 60 26.66 -7.61 5.68
N VAL B 61 26.72 -6.63 6.59
CA VAL B 61 27.17 -5.29 6.24
C VAL B 61 28.69 -5.24 6.02
N THR B 62 29.46 -5.84 6.93
CA THR B 62 30.91 -5.74 6.85
C THR B 62 31.50 -6.59 5.74
N THR B 63 30.76 -7.57 5.23
CA THR B 63 31.28 -8.42 4.16
C THR B 63 30.70 -8.16 2.77
N TYR B 64 29.67 -7.31 2.65
CA TYR B 64 29.07 -7.03 1.32
C TYR B 64 29.95 -6.10 0.49
N VAL B 65 30.10 -6.45 -0.79
CA VAL B 65 30.95 -5.72 -1.71
C VAL B 65 30.29 -5.67 -3.07
N ASN B 66 30.37 -4.51 -3.73
CA ASN B 66 29.95 -4.39 -5.12
C ASN B 66 31.18 -4.03 -5.95
N GLU B 67 31.62 -4.99 -6.77
CA GLU B 67 32.84 -4.84 -7.55
C GLU B 67 32.70 -3.86 -8.72
N SER B 68 31.48 -3.72 -9.25
CA SER B 68 31.24 -2.84 -10.40
C SER B 68 31.22 -1.35 -10.04
N LYS B 69 31.35 -1.02 -8.76
CA LYS B 69 31.38 0.36 -8.30
C LYS B 69 32.70 0.70 -7.60
N TYR B 70 33.67 -0.22 -7.74
CA TYR B 70 34.97 -0.07 -7.13
C TYR B 70 35.86 0.89 -7.89
N GLU B 71 35.84 0.82 -9.22
CA GLU B 71 36.75 1.63 -10.02
C GLU B 71 36.68 3.09 -9.58
N LYS B 72 35.47 3.63 -9.52
CA LYS B 72 35.26 5.01 -9.07
C LYS B 72 35.93 5.27 -7.72
N LEU B 73 35.93 4.27 -6.83
CA LEU B 73 36.64 4.35 -5.54
C LEU B 73 38.16 4.28 -5.72
N LYS B 74 38.61 3.40 -6.61
CA LYS B 74 40.03 3.27 -6.93
C LYS B 74 40.54 4.54 -7.60
N TYR B 75 39.78 5.05 -8.56
CA TYR B 75 40.12 6.31 -9.23
C TYR B 75 40.11 7.47 -8.23
N LYS B 76 39.13 7.49 -7.32
CA LYS B 76 39.06 8.51 -6.27
C LYS B 76 40.32 8.49 -5.39
N ARG B 77 40.70 7.30 -4.92
CA ARG B 77 41.75 7.18 -3.91
C ARG B 77 43.14 7.49 -4.46
N CYS B 78 43.49 6.84 -5.56
CA CYS B 78 44.81 7.04 -6.16
C CYS B 78 45.01 8.48 -6.64
N LYS B 79 43.98 9.07 -7.24
CA LYS B 79 44.03 10.47 -7.66
C LYS B 79 44.16 11.42 -6.46
N TYR B 80 43.51 11.08 -5.35
CA TYR B 80 43.68 11.83 -4.09
C TYR B 80 45.14 11.76 -3.62
N LEU B 81 45.75 10.57 -3.72
CA LEU B 81 47.16 10.38 -3.39
C LEU B 81 48.08 10.86 -4.53
N ASN B 82 47.45 11.36 -5.61
CA ASN B 82 48.11 11.81 -6.83
C ASN B 82 48.70 10.69 -7.70
N LYS B 83 49.16 9.61 -7.09
CA LYS B 83 49.66 8.44 -7.84
C LYS B 83 48.61 7.82 -8.77
N GLU B 84 49.07 6.91 -9.63
CA GLU B 84 48.23 6.30 -10.67
C GLU B 84 47.92 4.82 -10.41
N THR B 85 48.76 4.16 -9.62
CA THR B 85 48.69 2.72 -9.39
C THR B 85 48.69 2.45 -7.88
N VAL B 86 48.03 1.39 -7.46
CA VAL B 86 47.89 1.08 -6.02
C VAL B 86 49.05 0.22 -5.49
N LYS B 97 40.37 -11.03 -5.00
CA LYS B 97 38.92 -10.79 -4.73
C LYS B 97 38.72 -9.54 -3.87
N LEU B 98 37.78 -8.68 -4.29
CA LEU B 98 37.53 -7.41 -3.60
C LEU B 98 36.83 -7.67 -2.27
N GLN B 99 37.37 -7.09 -1.20
CA GLN B 99 36.88 -7.30 0.16
C GLN B 99 36.91 -6.00 0.95
N ASN B 100 36.27 -6.02 2.11
CA ASN B 100 36.23 -4.85 2.99
C ASN B 100 37.32 -4.95 4.04
N VAL B 101 37.68 -3.79 4.57
CA VAL B 101 38.58 -3.69 5.70
C VAL B 101 37.76 -3.57 6.98
N VAL B 102 38.06 -4.42 7.95
CA VAL B 102 37.55 -4.25 9.31
C VAL B 102 38.68 -3.88 10.29
N VAL B 103 38.57 -2.69 10.87
CA VAL B 103 39.53 -2.16 11.84
C VAL B 103 38.99 -2.32 13.27
N MET B 104 39.81 -2.84 14.17
CA MET B 104 39.42 -3.01 15.57
C MET B 104 40.55 -2.75 16.57
N GLY B 105 40.20 -2.68 17.85
CA GLY B 105 41.17 -2.57 18.95
C GLY B 105 41.62 -3.93 19.45
N ARG B 106 42.63 -3.92 20.30
CA ARG B 106 43.27 -5.16 20.75
C ARG B 106 42.28 -6.04 21.55
N THR B 107 41.65 -5.44 22.56
CA THR B 107 40.63 -6.12 23.36
C THR B 107 39.55 -6.76 22.48
N SER B 108 39.02 -5.98 21.53
CA SER B 108 37.98 -6.49 20.63
C SER B 108 38.48 -7.70 19.87
N TRP B 109 39.71 -7.63 19.35
CA TRP B 109 40.31 -8.78 18.65
C TRP B 109 40.49 -9.99 19.54
N GLU B 110 40.83 -9.76 20.80
CA GLU B 110 40.97 -10.85 21.78
C GLU B 110 39.60 -11.41 22.20
N SER B 111 38.58 -10.55 22.24
CA SER B 111 37.21 -10.97 22.51
C SER B 111 36.69 -12.05 21.56
N ILE B 112 37.13 -12.00 20.31
CA ILE B 112 36.66 -12.92 19.28
C ILE B 112 37.20 -14.33 19.56
N PRO B 113 36.33 -15.36 19.48
CA PRO B 113 36.78 -16.75 19.58
C PRO B 113 37.63 -17.20 18.39
N LYS B 114 38.69 -17.95 18.68
CA LYS B 114 39.73 -18.34 17.70
C LYS B 114 39.16 -19.14 16.54
N LYS B 115 38.11 -19.89 16.81
CA LYS B 115 37.49 -20.78 15.82
C LYS B 115 37.12 -20.06 14.51
N PHE B 116 36.55 -18.86 14.62
CA PHE B 116 36.22 -18.01 13.46
C PHE B 116 36.98 -16.67 13.53
N LYS B 117 38.18 -16.74 14.09
CA LYS B 117 39.15 -15.64 14.07
C LYS B 117 40.35 -16.12 13.23
N PRO B 118 40.74 -15.36 12.19
CA PRO B 118 40.34 -14.00 11.83
C PRO B 118 38.93 -13.93 11.23
N LEU B 119 38.39 -12.73 11.11
CA LEU B 119 37.02 -12.54 10.63
C LEU B 119 36.93 -12.81 9.13
N SER B 120 36.19 -13.86 8.79
CA SER B 120 36.09 -14.36 7.42
C SER B 120 35.83 -13.28 6.37
N ASN B 121 36.40 -13.48 5.18
CA ASN B 121 36.19 -12.61 4.01
C ASN B 121 36.50 -11.13 4.22
N ARG B 122 37.28 -10.79 5.24
CA ARG B 122 37.62 -9.39 5.52
C ARG B 122 39.12 -9.19 5.76
N ILE B 123 39.62 -8.02 5.39
CA ILE B 123 40.99 -7.62 5.69
C ILE B 123 41.05 -7.13 7.14
N ASN B 124 41.63 -7.95 8.01
CA ASN B 124 41.62 -7.69 9.45
C ASN B 124 42.79 -6.83 9.91
N VAL B 125 42.48 -5.61 10.37
CA VAL B 125 43.46 -4.71 10.94
C VAL B 125 43.26 -4.67 12.44
N ILE B 126 44.34 -4.46 13.20
CA ILE B 126 44.29 -4.45 14.67
C ILE B 126 45.16 -3.34 15.28
N LEU B 127 44.52 -2.27 15.75
CA LEU B 127 45.21 -1.19 16.48
C LEU B 127 45.73 -1.66 17.84
N SER B 128 47.04 -1.48 18.07
CA SER B 128 47.71 -1.95 19.29
C SER B 128 49.12 -1.39 19.41
N ARG B 129 49.64 -1.38 20.63
CA ARG B 129 51.02 -0.94 20.88
C ARG B 129 51.87 -1.97 21.62
N THR B 130 51.30 -3.13 21.94
CA THR B 130 52.07 -4.26 22.48
C THR B 130 52.09 -5.47 21.52
N LEU B 131 51.33 -5.36 20.42
CA LEU B 131 51.32 -6.40 19.40
C LEU B 131 52.42 -6.14 18.40
N LYS B 132 53.13 -7.21 18.02
CA LYS B 132 54.14 -7.15 16.98
C LYS B 132 53.71 -8.11 15.87
N LYS B 133 54.00 -7.71 14.63
CA LYS B 133 53.57 -8.44 13.44
C LYS B 133 54.09 -9.89 13.45
N GLU B 134 55.27 -10.08 14.06
CA GLU B 134 55.91 -11.40 14.25
C GLU B 134 54.95 -12.51 14.66
N ASP B 135 54.04 -12.22 15.59
CA ASP B 135 53.16 -13.23 16.19
C ASP B 135 51.96 -13.63 15.32
N PHE B 136 51.77 -12.95 14.19
CA PHE B 136 50.63 -13.21 13.28
C PHE B 136 51.07 -13.47 11.82
N ASP B 137 50.58 -12.66 10.88
CA ASP B 137 50.65 -12.97 9.44
C ASP B 137 50.73 -11.71 8.56
N GLU B 138 50.59 -11.89 7.24
CA GLU B 138 50.55 -10.80 6.27
C GLU B 138 49.13 -10.28 6.06
N ASP B 139 48.18 -11.21 5.85
CA ASP B 139 46.76 -10.87 5.66
C ASP B 139 46.07 -10.37 6.95
N VAL B 140 46.77 -10.44 8.08
CA VAL B 140 46.28 -9.89 9.35
C VAL B 140 47.19 -8.73 9.75
N TYR B 141 46.87 -7.54 9.25
CA TYR B 141 47.72 -6.38 9.41
C TYR B 141 47.64 -5.91 10.86
N ILE B 142 48.81 -5.62 11.44
CA ILE B 142 48.87 -5.00 12.76
C ILE B 142 49.24 -3.55 12.54
N ILE B 143 48.62 -2.66 13.31
CA ILE B 143 48.84 -1.23 13.18
C ILE B 143 49.23 -0.66 14.52
N ASN B 144 50.05 0.38 14.47
CA ASN B 144 50.68 0.96 15.65
C ASN B 144 49.89 2.15 16.21
N LYS B 145 49.22 2.88 15.34
CA LYS B 145 48.49 4.07 15.74
C LYS B 145 47.46 4.48 14.68
N VAL B 146 46.63 5.46 15.03
CA VAL B 146 45.53 5.90 14.15
C VAL B 146 46.06 6.45 12.83
N GLU B 147 47.19 7.14 12.89
CA GLU B 147 47.77 7.83 11.74
C GLU B 147 48.14 6.87 10.62
N ASP B 148 48.60 5.67 10.97
CA ASP B 148 49.13 4.70 10.00
C ASP B 148 48.07 3.81 9.32
N LEU B 149 46.78 4.06 9.59
CA LEU B 149 45.71 3.35 8.88
C LEU B 149 45.57 3.92 7.50
N ILE B 150 45.41 5.24 7.43
CA ILE B 150 45.29 5.97 6.17
C ILE B 150 46.43 5.57 5.21
N VAL B 151 47.62 5.34 5.77
CA VAL B 151 48.77 4.92 5.00
C VAL B 151 48.53 3.51 4.44
N LEU B 152 48.07 2.59 5.29
CA LEU B 152 47.81 1.21 4.86
C LEU B 152 46.63 1.13 3.90
N LEU B 153 45.69 2.06 4.02
CA LEU B 153 44.54 2.07 3.11
C LEU B 153 44.92 2.57 1.71
N GLY B 154 45.96 3.40 1.63
CA GLY B 154 46.51 3.84 0.35
C GLY B 154 47.20 2.75 -0.47
N LYS B 155 47.59 1.66 0.20
CA LYS B 155 48.33 0.57 -0.43
C LYS B 155 47.49 -0.69 -0.63
N LEU B 156 46.20 -0.61 -0.36
CA LEU B 156 45.34 -1.79 -0.42
C LEU B 156 44.19 -1.65 -1.41
N ASN B 157 43.72 -2.81 -1.88
CA ASN B 157 42.46 -2.91 -2.61
C ASN B 157 41.34 -3.36 -1.67
N TYR B 158 40.42 -2.45 -1.38
CA TYR B 158 39.28 -2.75 -0.52
C TYR B 158 38.04 -1.95 -0.97
N TYR B 159 36.86 -2.47 -0.67
CA TYR B 159 35.62 -1.77 -1.04
C TYR B 159 35.33 -0.63 -0.05
N LYS B 160 35.03 -0.99 1.20
CA LYS B 160 34.79 -0.01 2.27
C LYS B 160 35.58 -0.39 3.52
N CYS B 161 35.76 0.58 4.42
CA CYS B 161 36.54 0.34 5.64
C CYS B 161 35.69 0.57 6.91
N PHE B 162 35.50 -0.51 7.66
CA PHE B 162 34.61 -0.51 8.81
C PHE B 162 35.38 -0.58 10.13
N ILE B 163 35.22 0.46 10.94
CA ILE B 163 35.73 0.47 12.31
C ILE B 163 34.76 -0.33 13.21
N ILE B 164 35.09 -1.58 13.50
CA ILE B 164 34.23 -2.47 14.27
C ILE B 164 34.47 -2.44 15.78
N GLY B 165 35.15 -1.41 16.26
CA GLY B 165 35.07 -1.05 17.64
C GLY B 165 36.12 -1.43 18.67
N GLY B 166 35.64 -1.41 19.91
CA GLY B 166 36.40 -1.08 21.08
C GLY B 166 35.92 0.30 21.42
N SER B 167 35.54 0.50 22.68
CA SER B 167 35.05 1.81 23.11
C SER B 167 36.03 2.90 22.72
N VAL B 168 37.30 2.65 23.00
CA VAL B 168 38.36 3.65 22.77
C VAL B 168 38.49 3.94 21.26
N VAL B 169 38.59 2.87 20.48
CA VAL B 169 38.70 2.97 19.03
C VAL B 169 37.62 3.89 18.47
N TYR B 170 36.35 3.63 18.79
CA TYR B 170 35.24 4.49 18.34
C TYR B 170 35.45 5.93 18.82
N GLN B 171 35.78 6.07 20.11
CA GLN B 171 36.02 7.40 20.70
C GLN B 171 37.09 8.13 19.89
N GLU B 172 38.24 7.47 19.69
CA GLU B 172 39.40 8.10 19.06
C GLU B 172 39.32 8.20 17.54
N PHE B 173 38.23 7.73 16.95
CA PHE B 173 37.94 7.93 15.52
C PHE B 173 36.91 9.04 15.26
N LEU B 174 35.94 9.18 16.16
CA LEU B 174 34.86 10.18 16.00
C LEU B 174 35.34 11.59 16.26
N GLU B 175 36.24 11.77 17.24
CA GLU B 175 36.78 13.09 17.52
C GLU B 175 37.83 13.50 16.48
N LYS B 176 38.44 12.51 15.81
CA LYS B 176 39.29 12.76 14.65
C LYS B 176 38.51 12.87 13.32
N LYS B 177 37.19 12.88 13.42
CA LYS B 177 36.30 13.08 12.27
C LYS B 177 36.56 12.13 11.09
N LEU B 178 36.97 10.90 11.40
CA LEU B 178 37.33 9.89 10.40
C LEU B 178 36.19 8.92 10.04
N ILE B 179 34.95 9.29 10.34
CA ILE B 179 33.79 8.39 10.22
C ILE B 179 32.71 9.04 9.33
N LYS B 180 32.45 8.46 8.16
CA LYS B 180 31.45 9.01 7.24
C LYS B 180 30.03 8.64 7.66
N LYS B 181 29.84 7.40 8.12
CA LYS B 181 28.54 6.94 8.61
C LYS B 181 28.70 6.00 9.79
N ILE B 182 27.72 6.02 10.69
CA ILE B 182 27.66 5.04 11.77
C ILE B 182 26.44 4.16 11.57
N TYR B 183 26.71 2.87 11.40
CA TYR B 183 25.69 1.85 11.35
C TYR B 183 25.47 1.40 12.78
N PHE B 184 24.29 1.73 13.30
CA PHE B 184 24.04 1.72 14.73
C PHE B 184 22.82 0.87 15.02
N THR B 185 23.05 -0.25 15.70
CA THR B 185 21.97 -1.11 16.15
C THR B 185 21.50 -0.63 17.52
N ARG B 186 20.20 -0.45 17.66
CA ARG B 186 19.59 -0.16 18.96
C ARG B 186 19.01 -1.44 19.56
N ILE B 187 19.68 -1.98 20.59
CA ILE B 187 19.24 -3.17 21.32
C ILE B 187 18.36 -2.65 22.43
N ASN B 188 17.05 -2.95 22.39
CA ASN B 188 16.11 -2.26 23.31
C ASN B 188 15.84 -3.03 24.60
N SER B 189 16.89 -3.23 25.38
CA SER B 189 16.81 -3.90 26.67
C SER B 189 18.03 -3.53 27.49
N THR B 190 17.91 -3.63 28.81
CA THR B 190 18.95 -3.14 29.71
C THR B 190 19.89 -4.26 30.13
N TYR B 191 21.19 -3.94 30.20
CA TYR B 191 22.18 -4.90 30.72
C TYR B 191 23.24 -4.17 31.52
N GLU B 192 24.06 -4.96 32.20
CA GLU B 192 25.20 -4.44 32.96
C GLU B 192 26.28 -4.10 31.96
N CYS B 193 26.85 -2.90 32.04
CA CYS B 193 27.89 -2.47 31.11
C CYS B 193 29.05 -1.79 31.82
N ASP B 194 30.28 -2.09 31.39
CA ASP B 194 31.49 -1.36 31.83
C ASP B 194 32.06 -0.38 30.79
N VAL B 195 31.80 -0.62 29.50
CA VAL B 195 32.16 0.35 28.45
C VAL B 195 30.96 0.79 27.62
N PHE B 196 31.05 2.01 27.11
CA PHE B 196 29.94 2.67 26.42
C PHE B 196 30.39 3.40 25.16
N PHE B 197 29.53 3.40 24.14
CA PHE B 197 29.77 4.16 22.91
C PHE B 197 29.78 5.66 23.21
N PRO B 198 30.60 6.43 22.49
CA PRO B 198 30.65 7.89 22.75
C PRO B 198 29.30 8.56 22.50
N GLU B 199 29.16 9.80 22.95
CA GLU B 199 27.92 10.54 22.76
C GLU B 199 27.97 11.29 21.43
N ILE B 200 27.13 10.87 20.49
CA ILE B 200 27.09 11.44 19.15
C ILE B 200 26.49 12.84 19.19
N ASN B 201 27.21 13.80 18.62
CA ASN B 201 26.78 15.19 18.58
C ASN B 201 25.81 15.48 17.43
N GLU B 202 24.58 15.85 17.75
CA GLU B 202 23.54 16.13 16.75
C GLU B 202 23.98 17.10 15.64
N ASN B 203 24.99 17.92 15.91
CA ASN B 203 25.54 18.83 14.90
C ASN B 203 26.55 18.16 13.96
N GLU B 204 27.22 17.11 14.45
CA GLU B 204 28.18 16.36 13.62
C GLU B 204 27.50 15.29 12.74
N TYR B 205 26.66 14.45 13.35
CA TYR B 205 25.96 13.38 12.65
C TYR B 205 24.45 13.52 12.77
N GLN B 206 23.73 12.97 11.81
CA GLN B 206 22.27 12.91 11.89
C GLN B 206 21.76 11.62 11.23
N ILE B 207 20.61 11.16 11.72
CA ILE B 207 20.06 9.90 11.27
C ILE B 207 19.40 10.16 9.93
N ILE B 208 19.71 9.31 8.95
CA ILE B 208 19.09 9.40 7.61
C ILE B 208 18.22 8.20 7.29
N SER B 209 18.30 7.15 8.11
CA SER B 209 17.49 5.97 7.88
C SER B 209 17.19 5.25 9.15
N VAL B 210 16.03 4.60 9.16
CA VAL B 210 15.62 3.75 10.27
C VAL B 210 14.97 2.47 9.74
N SER B 211 15.39 1.32 10.25
CA SER B 211 14.93 0.05 9.75
C SER B 211 13.58 -0.34 10.34
N ASP B 212 13.04 -1.47 9.86
CA ASP B 212 11.94 -2.18 10.48
C ASP B 212 12.30 -2.57 11.93
N VAL B 213 11.31 -2.93 12.75
CA VAL B 213 11.61 -3.40 14.12
C VAL B 213 11.52 -4.90 14.17
N TYR B 214 12.41 -5.49 14.96
CA TYR B 214 12.62 -6.91 14.96
C TYR B 214 12.71 -7.41 16.38
N THR B 215 12.35 -8.66 16.60
CA THR B 215 12.62 -9.36 17.87
C THR B 215 13.66 -10.45 17.67
N SER B 216 14.72 -10.42 18.48
CA SER B 216 15.69 -11.52 18.50
C SER B 216 16.23 -11.70 19.91
N ASN B 217 16.34 -12.97 20.32
CA ASN B 217 16.90 -13.31 21.63
C ASN B 217 16.26 -12.51 22.73
N ASN B 218 14.92 -12.49 22.69
CA ASN B 218 14.09 -11.96 23.78
C ASN B 218 14.22 -10.46 24.01
N THR B 219 14.45 -9.72 22.93
CA THR B 219 14.50 -8.26 22.96
C THR B 219 14.13 -7.74 21.57
N THR B 220 13.56 -6.54 21.52
CA THR B 220 13.36 -5.89 20.25
C THR B 220 14.61 -5.12 19.90
N LEU B 221 14.79 -4.86 18.62
CA LEU B 221 15.91 -4.08 18.11
C LEU B 221 15.58 -3.46 16.76
N ASP B 222 16.22 -2.34 16.46
CA ASP B 222 16.22 -1.81 15.12
C ASP B 222 17.60 -1.28 14.78
N PHE B 223 17.77 -0.96 13.50
CA PHE B 223 19.04 -0.55 12.94
C PHE B 223 18.83 0.82 12.38
N ILE B 224 19.67 1.77 12.78
CA ILE B 224 19.61 3.10 12.24
C ILE B 224 20.94 3.45 11.55
N ILE B 225 20.90 4.48 10.71
CA ILE B 225 22.09 4.93 10.00
C ILE B 225 22.36 6.41 10.26
N TYR B 226 23.49 6.69 10.91
CA TYR B 226 23.93 8.07 11.07
C TYR B 226 24.77 8.52 9.87
N LYS B 227 24.56 9.75 9.44
CA LYS B 227 25.32 10.36 8.36
C LYS B 227 26.04 11.64 8.80
N LYS B 228 27.35 11.71 8.51
CA LYS B 228 28.17 12.90 8.72
C LYS B 228 27.50 14.08 8.00
N THR B 229 27.25 15.16 8.73
CA THR B 229 26.53 16.31 8.15
C THR B 229 27.48 17.24 7.38
N ASN B 230 26.90 18.15 6.61
CA ASN B 230 27.66 19.13 5.83
C ASN B 230 27.74 20.49 6.54
N ASN B 231 28.40 20.50 7.71
CA ASN B 231 28.73 21.72 8.44
C ASN B 231 30.24 21.98 8.34
N ASP B 283 18.46 -1.74 -18.83
CA ASP B 283 18.05 -0.78 -19.89
C ASP B 283 17.93 0.63 -19.31
N ASP B 284 18.65 1.57 -19.92
CA ASP B 284 18.63 2.98 -19.49
C ASP B 284 17.25 3.60 -19.73
N GLU B 285 16.83 3.59 -20.99
CA GLU B 285 15.55 4.20 -21.43
C GLU B 285 14.35 3.34 -21.01
N GLU B 286 14.30 3.09 -19.72
CA GLU B 286 13.14 2.59 -19.01
C GLU B 286 12.74 3.73 -18.04
N GLU B 287 13.68 4.65 -17.78
CA GLU B 287 13.45 5.84 -16.97
C GLU B 287 12.55 6.86 -17.68
N ASP B 288 12.63 6.92 -19.02
CA ASP B 288 11.83 7.91 -19.76
C ASP B 288 10.37 7.49 -19.86
N ASP B 289 10.13 6.21 -20.13
CA ASP B 289 8.76 5.67 -20.10
C ASP B 289 8.06 6.01 -18.79
N PHE B 290 8.79 5.93 -17.68
CA PHE B 290 8.28 6.34 -16.38
C PHE B 290 7.77 7.78 -16.38
N VAL B 291 8.54 8.69 -16.95
CA VAL B 291 8.17 10.11 -16.99
C VAL B 291 6.94 10.36 -17.86
N TYR B 292 6.79 9.56 -18.91
CA TYR B 292 5.63 9.68 -19.80
C TYR B 292 4.35 9.30 -19.06
N PHE B 293 4.42 8.23 -18.28
CA PHE B 293 3.26 7.77 -17.50
C PHE B 293 2.83 8.76 -16.42
N ASN B 294 3.71 9.71 -16.09
CA ASN B 294 3.38 10.81 -15.16
C ASN B 294 2.96 12.12 -15.81
N PHE B 295 2.75 12.14 -17.12
CA PHE B 295 2.33 13.35 -17.83
C PHE B 295 1.07 14.05 -17.28
N ASN B 296 0.23 13.35 -16.52
CA ASN B 296 -0.99 13.99 -16.00
C ASN B 296 -0.97 14.26 -14.49
N LYS B 297 0.02 15.03 -14.04
CA LYS B 297 0.12 15.47 -12.65
C LYS B 297 0.10 16.99 -12.58
N GLU B 298 0.02 17.52 -11.37
CA GLU B 298 -0.08 18.96 -11.15
C GLU B 298 1.15 19.46 -10.39
N LYS B 299 2.31 19.44 -11.06
CA LYS B 299 3.59 19.84 -10.44
C LYS B 299 3.67 21.36 -10.16
N GLU B 300 3.76 21.71 -8.88
CA GLU B 300 3.57 23.10 -8.44
C GLU B 300 4.43 23.48 -7.22
N GLU B 301 4.19 24.70 -6.71
CA GLU B 301 4.84 25.22 -5.50
C GLU B 301 3.89 25.14 -4.28
N LYS B 302 2.65 25.64 -4.43
CA LYS B 302 1.65 25.64 -3.33
C LYS B 302 0.67 24.43 -3.39
N ASN B 303 0.55 23.73 -2.26
CA ASN B 303 -0.19 22.45 -2.21
C ASN B 303 -1.42 22.49 -1.29
N LYS B 304 -2.60 22.60 -1.92
CA LYS B 304 -3.91 22.51 -1.25
C LYS B 304 -3.95 23.26 0.07
N ASN B 305 -3.46 22.61 1.12
CA ASN B 305 -3.57 23.07 2.49
C ASN B 305 -2.26 23.76 2.85
N SER B 306 -2.37 24.99 3.38
CA SER B 306 -1.21 25.88 3.54
C SER B 306 -0.21 25.34 4.57
N ILE B 307 0.67 24.46 4.08
CA ILE B 307 1.70 23.81 4.87
C ILE B 307 3.02 23.84 4.10
N HIS B 308 4.11 24.18 4.79
CA HIS B 308 5.36 24.62 4.16
C HIS B 308 6.43 23.54 4.05
N PRO B 309 7.55 23.85 3.34
CA PRO B 309 8.73 22.96 3.31
C PRO B 309 9.49 22.91 4.63
N ASN B 310 9.79 24.07 5.21
CA ASN B 310 10.40 24.16 6.54
C ASN B 310 9.83 23.15 7.53
N ASP B 311 8.52 22.95 7.45
CA ASP B 311 7.75 22.24 8.49
C ASP B 311 8.23 20.81 8.74
N PHE B 312 8.38 20.04 7.66
CA PHE B 312 8.74 18.63 7.76
C PHE B 312 10.18 18.37 7.34
N GLN B 313 11.09 19.18 7.86
CA GLN B 313 12.48 19.11 7.47
C GLN B 313 13.05 17.72 7.75
N ILE B 314 13.04 17.32 9.02
CA ILE B 314 13.62 16.05 9.45
C ILE B 314 12.87 14.84 8.88
N TYR B 315 11.54 14.92 8.82
CA TYR B 315 10.74 13.85 8.24
C TYR B 315 11.15 13.61 6.81
N ASN B 316 11.29 14.69 6.04
CA ASN B 316 11.63 14.54 4.62
C ASN B 316 13.11 14.26 4.37
N SER B 317 13.97 14.50 5.36
CA SER B 317 15.41 14.29 5.22
C SER B 317 15.83 12.81 5.31
N LEU B 318 14.95 11.96 5.83
CA LEU B 318 15.27 10.53 5.92
C LEU B 318 15.12 9.87 4.56
N LYS B 319 16.02 8.96 4.24
CA LYS B 319 15.97 8.23 2.98
C LYS B 319 15.08 7.01 3.15
N TYR B 320 15.45 6.16 4.08
CA TYR B 320 14.71 4.94 4.32
C TYR B 320 14.00 5.01 5.67
N LYS B 321 12.69 4.87 5.62
CA LYS B 321 11.83 4.96 6.79
C LYS B 321 10.98 3.71 6.92
N TYR B 322 11.59 2.64 7.38
CA TYR B 322 10.96 1.34 7.38
C TYR B 322 10.42 0.93 8.75
N HIS B 323 10.65 1.77 9.76
CA HIS B 323 10.08 1.56 11.07
C HIS B 323 8.56 1.58 10.95
N PRO B 324 7.86 0.57 11.52
CA PRO B 324 6.42 0.46 11.33
C PRO B 324 5.61 1.67 11.87
N GLU B 325 6.16 2.41 12.82
CA GLU B 325 5.52 3.65 13.25
C GLU B 325 5.29 4.61 12.09
N TYR B 326 6.10 4.52 11.03
CA TYR B 326 5.89 5.36 9.83
C TYR B 326 4.57 5.08 9.10
N GLN B 327 3.99 3.91 9.27
CA GLN B 327 2.65 3.67 8.75
C GLN B 327 1.62 4.64 9.32
N TYR B 328 1.74 4.96 10.60
CA TYR B 328 0.86 5.95 11.23
C TYR B 328 1.25 7.37 10.80
N LEU B 329 2.55 7.69 10.90
CA LEU B 329 3.07 9.01 10.51
C LEU B 329 2.87 9.35 9.03
N ASN B 330 3.06 8.38 8.13
CA ASN B 330 2.90 8.64 6.70
C ASN B 330 1.44 8.96 6.39
N ILE B 331 0.51 8.31 7.08
CA ILE B 331 -0.91 8.62 6.93
C ILE B 331 -1.21 10.04 7.37
N ILE B 332 -0.65 10.44 8.51
CA ILE B 332 -0.75 11.83 8.95
C ILE B 332 -0.16 12.78 7.90
N TYR B 333 1.01 12.45 7.36
CA TYR B 333 1.63 13.30 6.34
C TYR B 333 0.69 13.45 5.17
N ASP B 334 0.12 12.34 4.74
CA ASP B 334 -0.75 12.33 3.57
C ASP B 334 -2.06 13.11 3.79
N ILE B 335 -2.62 13.04 4.98
CA ILE B 335 -3.82 13.83 5.27
C ILE B 335 -3.44 15.32 5.34
N MET B 336 -2.26 15.63 5.86
CA MET B 336 -1.81 17.01 5.84
C MET B 336 -1.52 17.54 4.43
N MET B 337 -0.87 16.74 3.58
CA MET B 337 -0.54 17.21 2.25
C MET B 337 -1.75 17.18 1.29
N ASN B 338 -2.66 16.22 1.47
CA ASN B 338 -3.68 15.95 0.46
C ASN B 338 -5.11 15.90 0.98
N GLY B 339 -5.26 16.12 2.28
CA GLY B 339 -6.55 16.05 2.90
C GLY B 339 -7.54 17.03 2.32
N ASN B 340 -8.83 16.70 2.48
CA ASN B 340 -9.91 17.56 2.11
C ASN B 340 -10.33 18.31 3.34
N LYS B 341 -10.39 19.64 3.24
CA LYS B 341 -10.95 20.49 4.28
C LYS B 341 -12.43 20.23 4.36
N GLN B 342 -12.87 19.80 5.54
CA GLN B 342 -14.27 19.53 5.80
C GLN B 342 -14.65 20.07 7.16
N SER B 343 -15.90 20.52 7.27
CA SER B 343 -16.51 20.77 8.56
C SER B 343 -16.80 19.45 9.25
N ASP B 344 -17.15 19.51 10.54
CA ASP B 344 -17.55 18.30 11.25
C ASP B 344 -18.50 18.56 12.40
N ARG B 345 -19.08 17.46 12.90
CA ARG B 345 -20.05 17.44 14.00
C ARG B 345 -19.59 18.30 15.18
N THR B 346 -18.32 18.16 15.54
CA THR B 346 -17.71 18.94 16.62
C THR B 346 -17.57 20.43 16.29
N GLY B 347 -17.70 20.78 15.00
CA GLY B 347 -17.55 22.16 14.55
C GLY B 347 -16.15 22.75 14.66
N VAL B 348 -15.13 21.89 14.57
CA VAL B 348 -13.72 22.31 14.69
C VAL B 348 -13.03 22.40 13.32
N GLY B 349 -13.40 21.50 12.41
CA GLY B 349 -12.77 21.44 11.11
C GLY B 349 -11.71 20.35 11.10
N VAL B 350 -11.70 19.57 10.03
CA VAL B 350 -10.71 18.53 9.84
C VAL B 350 -10.11 18.59 8.45
N LEU B 351 -8.98 17.91 8.30
CA LEU B 351 -8.48 17.48 7.02
C LEU B 351 -8.78 16.00 7.03
N SER B 352 -9.42 15.49 6.01
CA SER B 352 -9.82 14.09 6.00
C SER B 352 -9.49 13.38 4.69
N LYS B 353 -9.33 12.07 4.78
CA LYS B 353 -9.23 11.18 3.62
C LYS B 353 -10.01 9.91 3.95
N PHE B 354 -10.15 9.01 2.99
CA PHE B 354 -11.06 7.87 3.10
C PHE B 354 -10.40 6.61 2.61
N GLY B 355 -10.13 5.68 3.53
CA GLY B 355 -9.65 4.33 3.21
C GLY B 355 -8.13 4.20 3.26
N TYR B 356 -7.61 3.77 4.41
CA TYR B 356 -6.22 3.41 4.61
C TYR B 356 -6.13 2.07 5.31
N ILE B 357 -4.96 1.46 5.26
CA ILE B 357 -4.76 0.23 6.00
C ILE B 357 -3.37 0.20 6.61
N MET B 358 -3.27 -0.15 7.88
CA MET B 358 -1.96 -0.40 8.51
C MET B 358 -1.90 -1.85 8.93
N LYS B 359 -0.69 -2.38 9.00
CA LYS B 359 -0.43 -3.72 9.51
C LYS B 359 0.71 -3.65 10.50
N PHE B 360 0.57 -4.35 11.61
CA PHE B 360 1.63 -4.40 12.59
C PHE B 360 1.88 -5.85 12.93
N ASP B 361 3.15 -6.23 12.90
CA ASP B 361 3.55 -7.58 13.20
C ASP B 361 3.72 -7.70 14.69
N LEU B 362 2.70 -8.27 15.34
CA LEU B 362 2.70 -8.43 16.79
C LEU B 362 3.69 -9.46 17.31
N SER B 363 4.17 -10.36 16.44
CA SER B 363 5.22 -11.31 16.84
C SER B 363 6.62 -10.67 16.96
N GLN B 364 6.81 -9.48 16.42
CA GLN B 364 8.10 -8.79 16.49
C GLN B 364 8.13 -7.58 17.44
N TYR B 365 6.97 -6.99 17.71
CA TYR B 365 6.92 -5.81 18.58
C TYR B 365 5.51 -5.49 19.04
N PHE B 366 5.43 -4.66 20.07
CA PHE B 366 4.17 -4.09 20.47
C PHE B 366 4.13 -2.64 19.99
N PRO B 367 3.15 -2.33 19.15
CA PRO B 367 3.21 -1.08 18.40
C PRO B 367 2.68 0.10 19.19
N LEU B 368 3.37 0.44 20.27
CA LEU B 368 2.95 1.56 21.09
C LEU B 368 3.74 2.75 20.59
N LEU B 369 3.06 3.78 20.08
CA LEU B 369 3.79 4.88 19.44
C LEU B 369 4.88 5.44 20.35
N THR B 370 6.07 5.68 19.77
CA THR B 370 7.23 6.15 20.51
C THR B 370 7.55 7.63 20.27
N THR B 371 6.89 8.25 19.27
CA THR B 371 7.09 9.69 18.97
C THR B 371 6.27 10.64 19.87
N LYS B 372 5.55 10.04 20.81
CA LYS B 372 5.03 10.78 21.96
C LYS B 372 4.80 9.77 23.08
N LYS B 373 4.38 10.25 24.22
CA LYS B 373 4.23 9.37 25.36
C LYS B 373 2.78 8.89 25.40
N LEU B 374 2.59 7.59 25.48
CA LEU B 374 1.25 7.03 25.60
C LEU B 374 1.12 6.26 26.91
N PHE B 375 -0.07 6.36 27.50
CA PHE B 375 -0.43 5.64 28.73
C PHE B 375 -1.43 4.55 28.40
N LEU B 376 -1.41 3.44 29.12
CA LEU B 376 -2.29 2.33 28.79
C LEU B 376 -3.20 1.81 29.93
N ARG B 377 -3.09 2.31 31.15
CA ARG B 377 -3.97 1.75 32.20
C ARG B 377 -5.45 1.91 31.76
N GLY B 378 -5.82 3.13 31.44
CA GLY B 378 -7.19 3.46 31.06
C GLY B 378 -7.70 2.56 29.96
N ILE B 379 -6.95 2.46 28.87
CA ILE B 379 -7.44 1.66 27.74
C ILE B 379 -7.49 0.15 28.03
N ILE B 380 -6.64 -0.36 28.91
CA ILE B 380 -6.77 -1.76 29.33
C ILE B 380 -8.06 -1.95 30.14
N GLU B 381 -8.29 -1.08 31.11
CA GLU B 381 -9.56 -1.06 31.91
C GLU B 381 -10.82 -1.03 31.01
N GLU B 382 -10.82 -0.18 29.99
CA GLU B 382 -11.95 -0.14 29.02
C GLU B 382 -12.18 -1.51 28.38
N LEU B 383 -11.11 -2.15 28.02
CA LEU B 383 -11.17 -3.46 27.38
C LEU B 383 -11.73 -4.48 28.35
N LEU B 384 -11.29 -4.44 29.60
CA LEU B 384 -11.79 -5.39 30.59
C LEU B 384 -13.28 -5.16 30.85
N TRP B 385 -13.65 -3.88 30.88
CA TRP B 385 -15.03 -3.43 31.00
C TRP B 385 -15.89 -3.92 29.85
N PHE B 386 -15.40 -3.83 28.60
CA PHE B 386 -16.10 -4.39 27.42
C PHE B 386 -16.34 -5.89 27.57
N ILE B 387 -15.25 -6.57 27.92
CA ILE B 387 -15.27 -8.03 28.05
C ILE B 387 -16.27 -8.47 29.11
N ARG B 388 -16.41 -7.69 30.18
CA ARG B 388 -17.43 -7.98 31.20
C ARG B 388 -18.86 -7.71 30.69
N GLY B 389 -18.98 -7.13 29.50
CA GLY B 389 -20.27 -6.74 28.97
C GLY B 389 -20.89 -5.52 29.61
N GLU B 390 -20.12 -4.76 30.39
CA GLU B 390 -20.66 -3.61 31.13
C GLU B 390 -21.05 -2.44 30.23
N THR B 391 -22.06 -1.68 30.63
CA THR B 391 -22.37 -0.39 29.99
C THR B 391 -22.38 0.79 30.95
N ASN B 392 -21.87 0.58 32.15
CA ASN B 392 -22.01 1.52 33.25
C ASN B 392 -20.75 2.35 33.32
N GLY B 393 -20.84 3.58 32.83
CA GLY B 393 -19.71 4.50 32.90
C GLY B 393 -19.19 4.82 34.29
N ASN B 394 -20.00 4.62 35.32
CA ASN B 394 -19.53 4.84 36.67
C ASN B 394 -18.41 3.89 37.05
N THR B 395 -18.41 2.69 36.49
CA THR B 395 -17.39 1.72 36.84
C THR B 395 -16.04 2.26 36.44
N LEU B 396 -15.96 2.87 35.26
CA LEU B 396 -14.69 3.44 34.79
C LEU B 396 -14.32 4.71 35.52
N LEU B 397 -15.30 5.58 35.76
CA LEU B 397 -15.02 6.84 36.48
C LEU B 397 -14.47 6.60 37.88
N ASN B 398 -14.99 5.60 38.58
CA ASN B 398 -14.51 5.24 39.93
C ASN B 398 -13.05 4.75 39.94
N LYS B 399 -12.55 4.31 38.79
CA LYS B 399 -11.13 3.99 38.62
C LYS B 399 -10.36 5.12 37.94
N ASN B 400 -10.98 6.29 37.81
CA ASN B 400 -10.39 7.44 37.12
C ASN B 400 -9.96 7.19 35.68
N VAL B 401 -10.73 6.35 35.00
CA VAL B 401 -10.65 6.14 33.57
C VAL B 401 -11.79 6.95 33.00
N ARG B 402 -11.49 8.04 32.30
CA ARG B 402 -12.51 9.03 31.94
C ARG B 402 -12.74 9.14 30.43
N ILE B 403 -12.42 8.06 29.71
CA ILE B 403 -12.55 8.00 28.28
C ILE B 403 -13.99 8.30 27.88
N TRP B 404 -14.94 7.76 28.66
CA TRP B 404 -16.37 7.89 28.39
C TRP B 404 -17.07 8.91 29.20
N GLU B 405 -16.35 9.76 29.91
CA GLU B 405 -17.02 10.71 30.80
C GLU B 405 -17.88 11.74 30.04
N ALA B 406 -17.32 12.29 28.98
CA ALA B 406 -18.00 13.35 28.24
C ALA B 406 -19.27 12.81 27.54
N ASN B 407 -19.25 11.53 27.18
CA ASN B 407 -20.37 10.90 26.48
C ASN B 407 -21.52 10.41 27.38
N GLY B 408 -21.34 10.55 28.69
CA GLY B 408 -22.35 10.14 29.65
C GLY B 408 -22.93 11.28 30.47
N THR B 409 -22.59 12.55 30.14
CA THR B 409 -23.20 13.68 30.87
C THR B 409 -24.68 13.88 30.53
N ARG B 410 -25.39 14.57 31.42
CA ARG B 410 -26.80 14.89 31.21
C ARG B 410 -26.91 15.63 29.89
N GLU B 411 -26.03 16.61 29.70
CA GLU B 411 -26.04 17.51 28.53
C GLU B 411 -25.84 16.73 27.24
N PHE B 412 -24.86 15.86 27.21
CA PHE B 412 -24.59 15.02 26.05
C PHE B 412 -25.71 14.04 25.78
N LEU B 413 -26.23 13.40 26.82
CA LEU B 413 -27.30 12.43 26.60
C LEU B 413 -28.58 13.10 26.10
N ASP B 414 -28.87 14.31 26.57
CA ASP B 414 -30.04 15.07 26.14
C ASP B 414 -29.93 15.52 24.69
N ASN B 415 -28.75 15.99 24.29
CA ASN B 415 -28.55 16.31 22.88
C ASN B 415 -28.64 15.08 21.97
N ARG B 416 -28.42 13.89 22.53
CA ARG B 416 -28.69 12.63 21.83
C ARG B 416 -30.15 12.20 21.90
N LYS B 417 -30.99 13.07 22.47
CA LYS B 417 -32.42 12.80 22.65
C LYS B 417 -32.67 11.62 23.61
N LEU B 418 -31.74 11.41 24.53
CA LEU B 418 -31.84 10.33 25.50
C LEU B 418 -32.18 10.96 26.88
N PHE B 419 -33.34 11.60 26.91
CA PHE B 419 -33.81 12.37 28.06
C PHE B 419 -34.15 11.45 29.22
N HIS B 420 -34.40 10.18 28.94
CA HIS B 420 -34.84 9.23 29.96
C HIS B 420 -33.75 8.26 30.32
N ARG B 421 -32.50 8.67 30.09
CA ARG B 421 -31.36 7.82 30.34
C ARG B 421 -30.59 8.38 31.53
N GLU B 422 -30.25 7.53 32.47
CA GLU B 422 -29.42 7.94 33.58
C GLU B 422 -28.00 8.34 33.12
N VAL B 423 -27.49 9.39 33.76
CA VAL B 423 -26.15 9.93 33.58
C VAL B 423 -25.16 8.79 33.68
N ASN B 424 -24.22 8.72 32.74
CA ASN B 424 -23.25 7.62 32.66
C ASN B 424 -23.85 6.26 32.33
N ASP B 425 -25.12 6.20 31.99
CA ASP B 425 -25.66 4.95 31.46
C ASP B 425 -25.55 5.11 29.94
N LEU B 426 -24.58 4.43 29.35
CA LEU B 426 -24.20 4.72 27.97
C LEU B 426 -25.03 3.95 26.96
N GLY B 427 -26.02 3.19 27.42
CA GLY B 427 -26.84 2.39 26.51
C GLY B 427 -26.12 1.17 26.01
N PRO B 428 -26.65 0.50 24.98
CA PRO B 428 -26.17 -0.80 24.56
C PRO B 428 -24.99 -0.68 23.60
N ILE B 429 -23.89 -0.19 24.15
CA ILE B 429 -22.63 -0.02 23.45
C ILE B 429 -21.81 -1.33 23.46
N TYR B 430 -20.51 -1.20 23.24
CA TYR B 430 -19.63 -2.31 22.89
C TYR B 430 -19.86 -3.58 23.70
N GLY B 431 -19.60 -3.47 25.00
CA GLY B 431 -19.75 -4.58 25.91
C GLY B 431 -21.08 -5.28 25.82
N PHE B 432 -22.16 -4.52 25.80
CA PHE B 432 -23.48 -5.11 25.64
C PHE B 432 -23.59 -5.85 24.31
N GLN B 433 -23.06 -5.27 23.23
CA GLN B 433 -23.12 -5.92 21.92
C GLN B 433 -22.26 -7.18 21.84
N TRP B 434 -21.05 -7.14 22.39
CA TRP B 434 -20.17 -8.31 22.43
C TRP B 434 -20.75 -9.49 23.21
N ARG B 435 -21.48 -9.23 24.29
CA ARG B 435 -22.03 -10.32 25.15
C ARG B 435 -23.54 -10.58 25.00
N HIS B 436 -24.29 -9.63 24.44
CA HIS B 436 -25.78 -9.70 24.43
C HIS B 436 -26.45 -9.14 23.21
N PHE B 437 -25.82 -9.23 22.04
CA PHE B 437 -26.38 -8.64 20.83
C PHE B 437 -27.78 -9.16 20.62
N GLY B 438 -28.70 -8.20 20.46
CA GLY B 438 -30.09 -8.50 20.22
C GLY B 438 -30.96 -8.51 21.45
N ALA B 439 -30.37 -8.53 22.62
CA ALA B 439 -31.17 -8.39 23.84
C ALA B 439 -31.77 -6.99 23.91
N GLU B 440 -32.87 -6.90 24.64
CA GLU B 440 -33.54 -5.64 24.86
C GLU B 440 -32.82 -4.90 25.98
N TYR B 441 -32.21 -3.75 25.68
CA TYR B 441 -31.58 -2.90 26.69
C TYR B 441 -32.61 -2.17 27.55
N THR B 442 -32.42 -2.25 28.85
CA THR B 442 -33.29 -1.56 29.78
C THR B 442 -32.51 -0.46 30.46
N ASN B 443 -31.64 -0.82 31.39
CA ASN B 443 -30.75 0.13 32.03
C ASN B 443 -29.45 -0.59 32.38
N MET B 444 -28.46 0.17 32.84
CA MET B 444 -27.12 -0.37 33.06
C MET B 444 -26.99 -1.28 34.27
N TYR B 445 -28.04 -1.39 35.08
CA TYR B 445 -28.03 -2.25 36.28
C TYR B 445 -28.75 -3.57 36.07
N ASP B 446 -29.43 -3.75 34.96
CA ASP B 446 -30.21 -4.97 34.78
C ASP B 446 -29.30 -6.20 34.63
N ASN B 447 -29.90 -7.35 34.88
CA ASN B 447 -29.27 -8.64 34.69
C ASN B 447 -29.60 -9.09 33.29
N TYR B 448 -28.56 -9.33 32.49
CA TYR B 448 -28.72 -9.78 31.10
C TYR B 448 -28.12 -11.18 30.91
N GLU B 449 -27.84 -11.87 32.02
CA GLU B 449 -27.19 -13.19 31.95
C GLU B 449 -27.97 -14.07 30.98
N ASN B 450 -27.28 -14.58 29.96
CA ASN B 450 -27.86 -15.48 28.93
C ASN B 450 -28.92 -14.84 28.04
N LYS B 451 -28.94 -13.50 27.99
CA LYS B 451 -29.80 -12.81 27.04
C LYS B 451 -28.98 -12.32 25.85
N GLY B 452 -29.50 -12.55 24.65
CA GLY B 452 -28.82 -12.16 23.42
C GLY B 452 -27.69 -13.08 22.99
N VAL B 453 -27.00 -12.71 21.92
CA VAL B 453 -25.92 -13.51 21.38
C VAL B 453 -24.61 -13.06 21.99
N ASP B 454 -23.94 -14.00 22.65
CA ASP B 454 -22.60 -13.82 23.23
C ASP B 454 -21.57 -14.04 22.14
N GLN B 455 -21.33 -12.98 21.39
CA GLN B 455 -20.41 -13.03 20.28
C GLN B 455 -18.99 -13.32 20.73
N LEU B 456 -18.58 -12.75 21.85
CA LEU B 456 -17.22 -12.94 22.33
C LEU B 456 -16.92 -14.43 22.53
N LYS B 457 -17.88 -15.12 23.10
CA LYS B 457 -17.76 -16.52 23.37
C LYS B 457 -17.78 -17.31 22.09
N ASN B 458 -18.66 -16.92 21.17
CA ASN B 458 -18.77 -17.56 19.87
C ASN B 458 -17.48 -17.49 19.07
N ILE B 459 -16.78 -16.35 19.07
CA ILE B 459 -15.56 -16.27 18.27
C ILE B 459 -14.45 -17.07 18.91
N ILE B 460 -14.42 -17.11 20.23
CA ILE B 460 -13.42 -17.89 20.93
C ILE B 460 -13.61 -19.37 20.61
N ASN B 461 -14.86 -19.83 20.59
CA ASN B 461 -15.15 -21.21 20.20
C ASN B 461 -14.81 -21.52 18.75
N LEU B 462 -15.11 -20.58 17.84
CA LEU B 462 -14.76 -20.76 16.41
C LEU B 462 -13.26 -20.85 16.19
N ILE B 463 -12.52 -19.96 16.82
CA ILE B 463 -11.08 -19.99 16.73
C ILE B 463 -10.48 -21.32 17.20
N LYS B 464 -11.08 -21.92 18.24
CA LYS B 464 -10.53 -23.14 18.83
C LYS B 464 -10.94 -24.35 18.02
N ASN B 465 -12.21 -24.42 17.64
CA ASN B 465 -12.79 -25.60 17.01
C ASN B 465 -12.91 -25.53 15.48
N ASP B 466 -12.93 -24.33 14.93
CA ASP B 466 -13.15 -24.17 13.50
C ASP B 466 -12.27 -23.03 12.97
N PRO B 467 -10.96 -23.12 13.21
CA PRO B 467 -10.07 -21.99 12.96
C PRO B 467 -9.98 -21.50 11.51
N THR B 468 -10.33 -22.31 10.53
CA THR B 468 -10.36 -21.87 9.14
C THR B 468 -11.70 -21.26 8.70
N SER B 469 -12.66 -21.13 9.62
CA SER B 469 -13.91 -20.41 9.33
C SER B 469 -13.65 -18.98 8.82
N ARG B 470 -14.54 -18.50 7.97
CA ARG B 470 -14.41 -17.17 7.48
C ARG B 470 -15.48 -16.27 8.10
N ARG B 471 -16.00 -16.71 9.24
CA ARG B 471 -17.14 -16.08 9.90
C ARG B 471 -16.80 -15.71 11.32
N ILE B 472 -15.51 -15.63 11.63
CA ILE B 472 -15.10 -15.29 12.97
C ILE B 472 -15.08 -13.77 13.10
N LEU B 473 -16.25 -13.19 13.36
CA LEU B 473 -16.38 -11.75 13.46
C LEU B 473 -17.04 -11.33 14.73
N LEU B 474 -16.59 -10.22 15.30
CA LEU B 474 -17.18 -9.64 16.49
C LEU B 474 -17.64 -8.26 16.04
N CYS B 475 -18.97 -8.03 16.01
CA CYS B 475 -19.53 -6.82 15.42
C CYS B 475 -20.22 -6.01 16.47
N ALA B 476 -19.89 -4.73 16.55
CA ALA B 476 -20.46 -3.81 17.54
C ALA B 476 -21.58 -2.99 16.94
N TRP B 477 -21.60 -2.87 15.62
CA TRP B 477 -22.50 -1.97 14.94
C TRP B 477 -23.85 -2.61 14.81
N ASN B 478 -24.60 -2.56 15.90
CA ASN B 478 -25.96 -3.08 15.93
C ASN B 478 -26.94 -2.01 15.43
N VAL B 479 -27.35 -2.11 14.18
CA VAL B 479 -28.18 -1.05 13.54
C VAL B 479 -29.42 -0.73 14.37
N LYS B 480 -30.06 -1.77 14.90
CA LYS B 480 -31.28 -1.57 15.69
C LYS B 480 -31.05 -0.71 16.95
N ASP B 481 -29.88 -0.84 17.55
CA ASP B 481 -29.61 -0.19 18.83
C ASP B 481 -28.85 1.13 18.73
N LEU B 482 -28.49 1.56 17.52
CA LEU B 482 -27.59 2.70 17.37
C LEU B 482 -28.07 3.91 18.15
N ASP B 483 -29.34 4.31 17.92
CA ASP B 483 -29.91 5.54 18.53
C ASP B 483 -29.95 5.50 20.05
N GLN B 484 -30.05 4.30 20.61
CA GLN B 484 -30.00 4.13 22.06
C GLN B 484 -28.61 4.23 22.66
N MET B 485 -27.56 4.09 21.85
CA MET B 485 -26.19 4.23 22.34
C MET B 485 -25.86 5.71 22.56
N ALA B 486 -25.09 6.01 23.60
CA ALA B 486 -24.64 7.37 23.83
C ALA B 486 -23.99 7.92 22.57
N LEU B 487 -23.17 7.11 21.91
CA LEU B 487 -22.80 7.36 20.52
C LEU B 487 -22.55 6.04 19.83
N PRO B 488 -22.73 5.99 18.52
CA PRO B 488 -22.45 4.76 17.79
C PRO B 488 -20.94 4.34 17.76
N PRO B 489 -20.66 3.04 17.66
CA PRO B 489 -19.27 2.60 17.76
C PRO B 489 -18.40 3.06 16.59
N CYS B 490 -17.19 3.49 16.94
CA CYS B 490 -16.18 3.87 15.96
C CYS B 490 -15.56 2.57 15.46
N HIS B 491 -15.44 1.59 16.34
CA HIS B 491 -14.79 0.35 15.99
C HIS B 491 -15.83 -0.66 15.59
N ILE B 492 -16.12 -0.70 14.29
CA ILE B 492 -17.28 -1.41 13.77
C ILE B 492 -17.21 -2.91 14.09
N LEU B 493 -16.08 -3.53 13.76
CA LEU B 493 -15.96 -4.96 13.89
C LEU B 493 -14.53 -5.43 13.94
N CYS B 494 -14.36 -6.65 14.44
CA CYS B 494 -13.10 -7.38 14.40
C CYS B 494 -13.28 -8.65 13.60
N GLN B 495 -12.40 -8.91 12.64
CA GLN B 495 -12.37 -10.22 12.02
C GLN B 495 -11.07 -10.92 12.40
N PHE B 496 -11.14 -12.24 12.49
CA PHE B 496 -10.01 -13.03 12.94
C PHE B 496 -9.60 -14.03 11.86
N TYR B 497 -8.32 -14.35 11.85
CA TYR B 497 -7.76 -15.28 10.88
C TYR B 497 -6.70 -16.10 11.61
N VAL B 498 -6.74 -17.41 11.39
CA VAL B 498 -5.86 -18.31 12.06
C VAL B 498 -5.16 -19.15 11.00
N PHE B 499 -3.84 -19.16 11.02
CA PHE B 499 -3.09 -20.10 10.22
C PHE B 499 -1.83 -20.55 10.98
N ASP B 500 -1.61 -21.86 10.98
CA ASP B 500 -0.38 -22.46 11.52
C ASP B 500 -0.11 -21.98 12.96
N GLY B 501 -1.15 -22.04 13.79
CA GLY B 501 -1.01 -21.69 15.18
C GLY B 501 -0.91 -20.20 15.48
N LYS B 502 -1.23 -19.37 14.49
CA LYS B 502 -1.05 -17.93 14.61
C LYS B 502 -2.36 -17.20 14.37
N LEU B 503 -2.64 -16.19 15.18
CA LEU B 503 -3.87 -15.41 15.08
C LEU B 503 -3.61 -14.01 14.54
N SER B 504 -4.33 -13.63 13.48
CA SER B 504 -4.34 -12.21 13.04
C SER B 504 -5.75 -11.67 13.17
N CYS B 505 -5.85 -10.35 13.33
CA CYS B 505 -7.10 -9.64 13.55
C CYS B 505 -7.16 -8.41 12.66
N ILE B 506 -8.29 -8.22 12.00
CA ILE B 506 -8.60 -6.96 11.32
C ILE B 506 -9.66 -6.22 12.13
N MET B 507 -9.42 -4.94 12.37
CA MET B 507 -10.44 -4.07 12.95
C MET B 507 -10.78 -2.98 11.95
N TYR B 508 -12.06 -2.88 11.58
CA TYR B 508 -12.53 -1.79 10.73
C TYR B 508 -13.01 -0.64 11.58
N GLN B 509 -12.43 0.54 11.37
CA GLN B 509 -12.79 1.72 12.16
C GLN B 509 -13.40 2.74 11.21
N ARG B 510 -14.67 3.07 11.42
CA ARG B 510 -15.40 3.99 10.55
C ARG B 510 -14.94 5.45 10.68
N SER B 511 -14.34 5.77 11.82
CA SER B 511 -14.08 7.18 12.10
C SER B 511 -12.85 7.25 12.94
N CYS B 512 -11.83 7.93 12.43
CA CYS B 512 -10.48 7.82 13.00
C CYS B 512 -9.87 9.18 13.21
N ASP B 513 -9.75 9.56 14.47
CA ASP B 513 -9.12 10.81 14.87
C ASP B 513 -7.64 10.55 14.95
N LEU B 514 -6.92 10.87 13.88
CA LEU B 514 -5.51 10.43 13.75
C LEU B 514 -4.63 10.97 14.88
N GLY B 515 -4.91 12.20 15.29
CA GLY B 515 -4.09 12.89 16.27
C GLY B 515 -4.19 12.28 17.63
N LEU B 516 -5.41 12.05 18.10
CA LEU B 516 -5.62 11.64 19.51
C LEU B 516 -6.12 10.21 19.71
N GLY B 517 -7.01 9.78 18.83
CA GLY B 517 -7.71 8.53 19.03
C GLY B 517 -6.96 7.33 18.52
N VAL B 518 -6.40 7.44 17.32
CA VAL B 518 -5.83 6.29 16.63
C VAL B 518 -4.60 5.67 17.34
N PRO B 519 -3.74 6.49 17.95
CA PRO B 519 -2.64 5.89 18.71
C PRO B 519 -3.11 4.91 19.80
N PHE B 520 -4.17 5.29 20.53
CA PHE B 520 -4.77 4.43 21.55
C PHE B 520 -5.48 3.24 20.89
N ASN B 521 -6.14 3.49 19.77
CA ASN B 521 -6.92 2.44 19.11
C ASN B 521 -6.03 1.29 18.65
N ILE B 522 -4.88 1.61 18.09
CA ILE B 522 -3.88 0.60 17.75
C ILE B 522 -3.52 -0.26 18.95
N ALA B 523 -3.24 0.39 20.08
CA ALA B 523 -2.88 -0.31 21.29
C ALA B 523 -4.01 -1.24 21.79
N SER B 524 -5.23 -0.70 21.92
CA SER B 524 -6.35 -1.50 22.43
C SER B 524 -6.43 -2.82 21.71
N TYR B 525 -6.45 -2.75 20.38
CA TYR B 525 -6.71 -3.93 19.58
C TYR B 525 -5.50 -4.82 19.42
N SER B 526 -4.31 -4.25 19.54
CA SER B 526 -3.14 -5.11 19.62
C SER B 526 -3.25 -6.00 20.89
N ILE B 527 -3.48 -5.34 22.03
CA ILE B 527 -3.61 -6.03 23.31
C ILE B 527 -4.72 -7.07 23.27
N PHE B 528 -5.85 -6.71 22.69
CA PHE B 528 -6.98 -7.63 22.55
C PHE B 528 -6.61 -8.84 21.70
N THR B 529 -5.81 -8.63 20.64
CA THR B 529 -5.37 -9.74 19.78
C THR B 529 -4.48 -10.72 20.55
N HIS B 530 -3.56 -10.19 21.35
CA HIS B 530 -2.83 -10.99 22.34
C HIS B 530 -3.77 -11.69 23.28
N MET B 531 -4.77 -10.99 23.79
CA MET B 531 -5.66 -11.63 24.78
C MET B 531 -6.36 -12.81 24.15
N ILE B 532 -7.00 -12.57 23.01
CA ILE B 532 -7.70 -13.65 22.31
C ILE B 532 -6.74 -14.79 21.94
N ALA B 533 -5.52 -14.47 21.50
CA ALA B 533 -4.59 -15.49 21.06
C ALA B 533 -4.22 -16.39 22.21
N GLN B 534 -3.86 -15.79 23.34
CA GLN B 534 -3.40 -16.54 24.51
C GLN B 534 -4.45 -17.51 25.05
N VAL B 535 -5.71 -17.09 25.11
CA VAL B 535 -6.75 -17.95 25.67
C VAL B 535 -7.14 -19.05 24.70
N CYS B 536 -6.69 -18.92 23.45
CA CYS B 536 -6.93 -19.95 22.42
C CYS B 536 -5.68 -20.76 22.07
N ASN B 537 -4.61 -20.56 22.83
CA ASN B 537 -3.34 -21.23 22.60
C ASN B 537 -2.75 -20.97 21.21
N LEU B 538 -2.75 -19.71 20.81
CA LEU B 538 -2.14 -19.34 19.55
C LEU B 538 -1.15 -18.21 19.82
N GLN B 539 -0.31 -17.98 18.84
CA GLN B 539 0.63 -16.89 18.89
C GLN B 539 0.01 -15.76 18.12
N PRO B 540 0.19 -14.53 18.59
CA PRO B 540 -0.34 -13.40 17.86
C PRO B 540 0.56 -13.11 16.69
N ALA B 541 -0.04 -12.89 15.52
CA ALA B 541 0.68 -12.51 14.31
C ALA B 541 0.41 -11.04 13.98
N GLN B 542 -0.52 -10.77 13.07
CA GLN B 542 -0.74 -9.40 12.63
C GLN B 542 -1.98 -8.74 13.17
N PHE B 543 -1.84 -7.48 13.57
CA PHE B 543 -3.00 -6.62 13.76
C PHE B 543 -3.11 -5.71 12.55
N ILE B 544 -4.28 -5.71 11.94
CA ILE B 544 -4.54 -5.00 10.69
C ILE B 544 -5.66 -3.99 10.93
N HIS B 545 -5.31 -2.72 10.82
CA HIS B 545 -6.19 -1.61 11.13
C HIS B 545 -6.68 -0.98 9.86
N VAL B 546 -7.98 -1.06 9.59
CA VAL B 546 -8.55 -0.44 8.40
C VAL B 546 -9.26 0.84 8.82
N LEU B 547 -8.90 1.94 8.20
CA LEU B 547 -9.46 3.26 8.53
C LEU B 547 -10.43 3.68 7.43
N GLY B 548 -11.62 4.07 7.83
CA GLY B 548 -12.64 4.58 6.93
C GLY B 548 -12.41 6.06 6.79
N ASN B 549 -13.25 6.87 7.46
CA ASN B 549 -13.06 8.31 7.45
C ASN B 549 -11.90 8.65 8.35
N ALA B 550 -10.75 8.89 7.76
CA ALA B 550 -9.52 9.22 8.51
C ALA B 550 -9.25 10.73 8.51
N HIS B 551 -9.29 11.31 9.69
CA HIS B 551 -9.22 12.77 9.80
C HIS B 551 -8.25 13.26 10.83
N VAL B 552 -7.61 14.38 10.50
CA VAL B 552 -6.77 15.11 11.43
C VAL B 552 -7.54 16.35 11.86
N TYR B 553 -7.79 16.50 13.14
CA TYR B 553 -8.41 17.75 13.63
C TYR B 553 -7.46 18.93 13.42
N ASN B 554 -8.01 20.06 13.02
CA ASN B 554 -7.21 21.27 12.79
C ASN B 554 -6.40 21.73 14.01
N ASN B 555 -6.97 21.54 15.20
CA ASN B 555 -6.26 21.94 16.41
C ASN B 555 -5.13 21.00 16.80
N HIS B 556 -4.99 19.88 16.06
CA HIS B 556 -3.83 18.99 16.23
C HIS B 556 -2.69 19.29 15.28
N ILE B 557 -2.92 20.10 14.24
CA ILE B 557 -1.95 20.26 13.16
C ILE B 557 -0.55 20.65 13.62
N ASP B 558 -0.46 21.67 14.49
CA ASP B 558 0.85 22.10 14.96
C ASP B 558 1.53 21.01 15.77
N SER B 559 0.79 20.34 16.64
CA SER B 559 1.38 19.26 17.41
C SER B 559 1.86 18.09 16.53
N LEU B 560 1.04 17.67 15.57
CA LEU B 560 1.43 16.62 14.66
C LEU B 560 2.64 17.03 13.78
N LYS B 561 2.80 18.32 13.51
CA LYS B 561 4.00 18.81 12.79
C LYS B 561 5.25 18.56 13.62
N ILE B 562 5.18 18.84 14.91
CA ILE B 562 6.28 18.55 15.81
C ILE B 562 6.55 17.04 15.81
N GLN B 563 5.50 16.24 15.94
CA GLN B 563 5.62 14.78 16.01
C GLN B 563 6.24 14.12 14.77
N LEU B 564 5.87 14.59 13.58
CA LEU B 564 6.36 13.98 12.35
C LEU B 564 7.87 14.14 12.15
N ASN B 565 8.48 15.10 12.84
CA ASN B 565 9.94 15.35 12.74
C ASN B 565 10.73 14.72 13.90
N ARG B 566 10.07 13.81 14.62
CA ARG B 566 10.72 13.01 15.64
C ARG B 566 10.93 11.60 15.11
N ILE B 567 12.07 11.02 15.42
CA ILE B 567 12.43 9.71 14.89
C ILE B 567 12.09 8.63 15.90
N PRO B 568 11.36 7.60 15.45
CA PRO B 568 10.92 6.57 16.37
C PRO B 568 12.08 5.84 17.03
N TYR B 569 11.82 5.30 18.21
CA TYR B 569 12.72 4.39 18.90
C TYR B 569 12.21 2.97 18.67
N PRO B 570 13.08 1.97 18.88
CA PRO B 570 12.50 0.64 18.66
C PRO B 570 11.35 0.42 19.65
N PHE B 571 10.35 -0.34 19.22
CA PHE B 571 9.11 -0.52 19.98
C PHE B 571 9.32 -1.36 21.24
N PRO B 572 8.40 -1.25 22.21
CA PRO B 572 8.36 -2.07 23.40
C PRO B 572 7.73 -3.42 23.13
N THR B 573 7.62 -4.24 24.19
CA THR B 573 6.92 -5.51 24.11
C THR B 573 5.83 -5.61 25.18
N LEU B 574 4.76 -6.31 24.83
CA LEU B 574 3.65 -6.50 25.76
C LEU B 574 3.84 -7.85 26.44
N LYS B 575 3.58 -7.92 27.73
CA LYS B 575 3.65 -9.20 28.43
C LYS B 575 2.35 -9.48 29.19
N LEU B 576 1.72 -10.61 28.86
CA LEU B 576 0.52 -11.03 29.59
C LEU B 576 0.90 -12.07 30.61
N ASN B 577 0.24 -12.02 31.77
CA ASN B 577 0.36 -13.09 32.77
C ASN B 577 -0.02 -14.41 32.10
N PRO B 578 0.96 -15.31 31.93
CA PRO B 578 0.70 -16.55 31.18
C PRO B 578 -0.30 -17.49 31.84
N ASP B 579 -0.53 -17.33 33.14
CA ASP B 579 -1.51 -18.18 33.85
C ASP B 579 -2.96 -17.98 33.41
N ILE B 580 -3.28 -16.82 32.81
CA ILE B 580 -4.64 -16.49 32.40
C ILE B 580 -5.01 -17.27 31.16
N LYS B 581 -6.09 -18.06 31.21
CA LYS B 581 -6.47 -18.94 30.07
C LYS B 581 -7.92 -18.84 29.59
N ASN B 582 -8.73 -17.99 30.20
CA ASN B 582 -10.05 -17.66 29.68
C ASN B 582 -10.18 -16.15 29.58
N ILE B 583 -10.90 -15.68 28.57
CA ILE B 583 -10.95 -14.24 28.29
C ILE B 583 -11.49 -13.39 29.44
N GLU B 584 -12.37 -13.95 30.25
CA GLU B 584 -12.98 -13.24 31.38
C GLU B 584 -12.09 -13.17 32.63
N ASP B 585 -10.93 -13.86 32.62
CA ASP B 585 -10.07 -13.93 33.82
C ASP B 585 -8.99 -12.85 33.91
N PHE B 586 -8.85 -12.01 32.88
CA PHE B 586 -7.83 -10.95 32.92
C PHE B 586 -8.16 -9.83 33.94
N THR B 587 -7.12 -9.33 34.60
CA THR B 587 -7.23 -8.20 35.52
C THR B 587 -6.12 -7.23 35.20
N ILE B 588 -6.24 -6.01 35.65
CA ILE B 588 -5.32 -4.93 35.26
C ILE B 588 -3.85 -5.26 35.52
N SER B 589 -3.55 -6.05 36.54
CA SER B 589 -2.15 -6.41 36.85
C SER B 589 -1.59 -7.56 35.98
N ASP B 590 -2.40 -8.11 35.10
CA ASP B 590 -1.95 -9.16 34.20
C ASP B 590 -1.23 -8.62 32.94
N PHE B 591 -1.09 -7.30 32.85
CA PHE B 591 -0.52 -6.64 31.66
C PHE B 591 0.74 -5.85 31.98
N THR B 592 1.85 -6.18 31.33
CA THR B 592 3.10 -5.41 31.51
C THR B 592 3.64 -4.96 30.15
N ILE B 593 3.98 -3.68 30.07
CA ILE B 593 4.70 -3.11 28.95
C ILE B 593 6.20 -3.03 29.31
N GLN B 594 7.07 -3.52 28.44
CA GLN B 594 8.49 -3.54 28.70
C GLN B 594 9.28 -2.77 27.68
N ASN B 595 10.26 -2.02 28.16
CA ASN B 595 11.23 -1.31 27.33
C ASN B 595 10.59 -0.24 26.45
N TYR B 596 9.60 0.44 27.03
CA TYR B 596 8.98 1.55 26.36
C TYR B 596 9.92 2.74 26.43
N VAL B 597 10.57 3.01 25.30
CA VAL B 597 11.43 4.15 25.11
C VAL B 597 10.66 5.09 24.18
N HIS B 598 10.50 6.34 24.58
CA HIS B 598 9.57 7.23 23.90
C HIS B 598 10.04 8.64 24.02
N HIS B 599 9.65 9.46 23.05
CA HIS B 599 9.81 10.91 23.11
C HIS B 599 8.89 11.53 24.15
N GLU B 600 9.09 12.81 24.42
CA GLU B 600 8.34 13.49 25.47
C GLU B 600 6.89 13.66 25.12
N LYS B 601 6.08 13.84 26.15
CA LYS B 601 4.66 13.94 26.00
C LYS B 601 4.29 15.14 25.15
N ILE B 602 3.25 14.97 24.35
CA ILE B 602 2.67 16.07 23.58
C ILE B 602 1.20 16.25 23.95
N SER B 603 0.85 17.47 24.34
CA SER B 603 -0.53 17.86 24.50
C SER B 603 -1.07 18.24 23.12
N MET B 604 -2.06 17.48 22.66
CA MET B 604 -2.49 17.58 21.26
C MET B 604 -3.36 18.81 21.05
N ASP B 605 -4.41 18.91 21.90
CA ASP B 605 -5.44 19.97 21.81
C ASP B 605 -4.82 21.37 21.90
#